data_1QC9
#
_entry.id   1QC9
#
_cell.length_a   208.680
_cell.length_b   127.350
_cell.length_c   49.870
_cell.angle_alpha   90.00
_cell.angle_beta   98.57
_cell.angle_gamma   90.00
#
_symmetry.space_group_name_H-M   'C 1 2 1'
#
_entity_poly.entity_id   1
_entity_poly.type   'polypeptide(L)'
_entity_poly.pdbx_seq_one_letter_code
;SNKKQSNRLTEQHKLSQGVIGIFGDYAKAHDLAVGEVSKLVKKALSNEYPQLSFRYRDSIKKTEINEALKKIDPDLGGTL
FVSNSSIKPDGGIVEVKDDYGEWRVVLVAEAKHQGKDIINIRNGLLVGKRGDQDLMAAGNAIERSHKNISEIANFMLSES
HFPYVLFLEGSNFLTENISITRPDGRVVNLEYNSGILNRLDRLTAANYGMPINSNLCINKFVNHKDKSIMLQAASIYTQG
DGREWDSKIMFEIMFDISTTSLRVLGRDLFEQLTSK
;
_entity_poly.pdbx_strand_id   A,B,C
#
# COMPACT_ATOMS: atom_id res chain seq x y z
N SER A 16 -58.92 28.65 -31.69
CA SER A 16 -57.65 28.97 -32.35
C SER A 16 -56.36 28.71 -31.54
N GLN A 17 -56.41 28.71 -30.23
CA GLN A 17 -55.21 28.44 -29.40
C GLN A 17 -54.88 26.93 -29.48
N GLY A 18 -54.52 26.45 -30.69
CA GLY A 18 -54.35 24.98 -30.97
C GLY A 18 -52.88 24.46 -31.07
N VAL A 19 -52.37 24.47 -32.30
CA VAL A 19 -51.01 23.95 -32.63
C VAL A 19 -49.94 24.52 -31.69
N ILE A 20 -49.93 25.83 -31.52
CA ILE A 20 -48.94 26.48 -30.64
C ILE A 20 -49.17 26.12 -29.20
N GLY A 21 -50.30 25.50 -28.98
CA GLY A 21 -50.68 25.05 -27.67
C GLY A 21 -50.07 23.67 -27.41
N ILE A 22 -50.40 22.76 -28.32
CA ILE A 22 -49.99 21.37 -28.21
C ILE A 22 -48.47 21.19 -28.26
N PHE A 23 -47.80 22.09 -28.97
CA PHE A 23 -46.35 22.04 -29.07
C PHE A 23 -45.76 22.44 -27.71
N GLY A 24 -46.18 23.60 -27.20
CA GLY A 24 -45.70 24.07 -25.92
C GLY A 24 -45.87 23.05 -24.82
N ASP A 25 -47.00 22.33 -24.82
CA ASP A 25 -47.26 21.29 -23.83
C ASP A 25 -46.22 20.17 -23.97
N TYR A 26 -46.05 19.68 -25.20
CA TYR A 26 -45.11 18.60 -25.53
C TYR A 26 -43.67 18.97 -25.12
N ALA A 27 -43.34 20.25 -25.17
CA ALA A 27 -42.02 20.71 -24.79
C ALA A 27 -41.76 20.40 -23.33
N LYS A 28 -42.70 20.84 -22.50
CA LYS A 28 -42.67 20.67 -21.05
C LYS A 28 -42.84 19.20 -20.65
N ALA A 29 -43.80 18.53 -21.29
CA ALA A 29 -44.10 17.13 -21.02
C ALA A 29 -42.93 16.17 -21.36
N HIS A 30 -41.78 16.72 -21.73
CA HIS A 30 -40.60 15.91 -22.05
C HIS A 30 -39.37 16.67 -21.59
N ASP A 31 -39.60 17.83 -20.97
CA ASP A 31 -38.53 18.70 -20.49
C ASP A 31 -37.53 18.81 -21.64
N LEU A 32 -38.03 19.33 -22.76
CA LEU A 32 -37.23 19.49 -23.96
C LEU A 32 -35.99 20.37 -23.82
N ALA A 33 -34.88 19.88 -24.34
CA ALA A 33 -33.62 20.60 -24.31
C ALA A 33 -33.73 21.92 -25.08
N VAL A 34 -32.90 22.90 -24.71
CA VAL A 34 -32.91 24.22 -25.37
C VAL A 34 -32.67 24.06 -26.86
N GLY A 35 -31.86 23.07 -27.23
CA GLY A 35 -31.60 22.83 -28.63
C GLY A 35 -32.84 22.17 -29.24
N GLU A 36 -33.41 21.23 -28.50
CA GLU A 36 -34.59 20.52 -28.96
C GLU A 36 -35.80 21.43 -29.16
N VAL A 37 -35.91 22.45 -28.31
CA VAL A 37 -37.02 23.39 -28.40
C VAL A 37 -37.01 24.12 -29.72
N SER A 38 -35.84 24.61 -30.13
CA SER A 38 -35.69 25.34 -31.38
C SER A 38 -36.19 24.58 -32.60
N LYS A 39 -36.05 23.25 -32.59
CA LYS A 39 -36.54 22.41 -33.68
C LYS A 39 -38.07 22.53 -33.68
N LEU A 40 -38.69 22.35 -32.51
CA LEU A 40 -40.14 22.45 -32.38
C LEU A 40 -40.55 23.83 -32.85
N VAL A 41 -39.74 24.83 -32.48
CA VAL A 41 -40.00 26.20 -32.85
C VAL A 41 -40.02 26.37 -34.37
N LYS A 42 -39.17 25.64 -35.08
CA LYS A 42 -39.18 25.71 -36.53
C LYS A 42 -40.46 25.01 -36.99
N LYS A 43 -40.73 23.86 -36.37
CA LYS A 43 -41.92 23.06 -36.66
C LYS A 43 -43.16 23.94 -36.64
N ALA A 44 -43.25 24.81 -35.63
CA ALA A 44 -44.36 25.73 -35.47
C ALA A 44 -44.24 26.95 -36.39
N LEU A 45 -43.02 27.52 -36.43
CA LEU A 45 -42.75 28.68 -37.28
C LEU A 45 -43.23 28.40 -38.68
N SER A 46 -43.07 27.16 -39.12
CA SER A 46 -43.50 26.73 -40.46
C SER A 46 -45.02 26.62 -40.52
N ASN A 47 -45.54 25.74 -39.68
CA ASN A 47 -46.97 25.48 -39.56
C ASN A 47 -47.83 26.76 -39.55
N GLU A 48 -47.31 27.83 -38.95
CA GLU A 48 -47.97 29.12 -38.81
C GLU A 48 -47.92 30.02 -40.07
N TYR A 49 -46.78 30.04 -40.76
CA TYR A 49 -46.62 30.83 -42.00
C TYR A 49 -46.13 29.80 -43.03
N PRO A 50 -47.04 28.91 -43.48
CA PRO A 50 -46.71 27.88 -44.46
C PRO A 50 -46.68 28.32 -45.91
N GLN A 51 -45.91 29.37 -46.19
CA GLN A 51 -45.78 29.86 -47.55
C GLN A 51 -44.27 29.90 -47.76
N LEU A 52 -43.58 30.10 -46.65
CA LEU A 52 -42.14 30.22 -46.59
C LEU A 52 -41.53 28.87 -46.30
N SER A 53 -40.23 28.77 -46.52
CA SER A 53 -39.50 27.54 -46.25
C SER A 53 -38.56 27.80 -45.08
N PHE A 54 -38.78 27.10 -43.98
CA PHE A 54 -38.00 27.23 -42.77
C PHE A 54 -37.01 26.10 -42.70
N ARG A 55 -35.86 26.36 -42.09
CA ARG A 55 -34.81 25.37 -41.95
C ARG A 55 -34.06 25.57 -40.64
N TYR A 56 -33.83 24.48 -39.93
CA TYR A 56 -33.09 24.49 -38.69
C TYR A 56 -31.72 23.87 -38.94
N ARG A 57 -30.67 24.55 -38.51
CA ARG A 57 -29.32 24.03 -38.66
C ARG A 57 -28.64 24.26 -37.34
N ASP A 58 -27.44 23.72 -37.16
CA ASP A 58 -26.78 23.88 -35.88
C ASP A 58 -25.34 24.35 -35.80
N SER A 59 -24.84 24.94 -36.87
CA SER A 59 -23.47 25.44 -36.85
C SER A 59 -23.33 26.38 -38.02
N ILE A 60 -22.46 27.36 -37.90
CA ILE A 60 -22.21 28.28 -39.00
C ILE A 60 -20.73 28.12 -39.25
N LYS A 61 -20.35 27.76 -40.47
CA LYS A 61 -18.96 27.58 -40.78
C LYS A 61 -18.31 28.96 -40.77
N LYS A 62 -17.23 29.11 -39.99
CA LYS A 62 -16.48 30.36 -39.86
C LYS A 62 -16.34 31.08 -41.19
N THR A 63 -16.40 30.33 -42.26
CA THR A 63 -16.32 30.87 -43.60
C THR A 63 -17.50 31.83 -43.82
N GLU A 64 -18.71 31.29 -43.72
CA GLU A 64 -19.93 32.04 -43.93
C GLU A 64 -19.89 33.45 -43.36
N ILE A 65 -19.39 33.57 -42.14
CA ILE A 65 -19.30 34.86 -41.48
C ILE A 65 -18.48 35.79 -42.37
N ASN A 66 -17.32 35.32 -42.78
CA ASN A 66 -16.44 36.11 -43.63
C ASN A 66 -17.09 36.46 -44.95
N GLU A 67 -17.64 35.45 -45.63
CA GLU A 67 -18.32 35.66 -46.91
C GLU A 67 -19.33 36.80 -46.68
N ALA A 68 -20.07 36.70 -45.58
CA ALA A 68 -21.07 37.70 -45.22
C ALA A 68 -20.43 39.05 -44.97
N LEU A 69 -19.29 39.06 -44.30
CA LEU A 69 -18.59 40.30 -43.99
C LEU A 69 -17.98 41.02 -45.20
N LYS A 70 -17.42 40.27 -46.15
CA LYS A 70 -16.84 40.90 -47.32
C LYS A 70 -17.97 41.60 -48.04
N LYS A 71 -19.12 40.92 -48.08
CA LYS A 71 -20.31 41.44 -48.74
C LYS A 71 -20.68 42.81 -48.20
N ILE A 72 -20.40 43.06 -46.94
CA ILE A 72 -20.66 44.36 -46.32
C ILE A 72 -19.51 45.27 -46.69
N ASP A 73 -18.29 44.79 -46.47
CA ASP A 73 -17.11 45.59 -46.79
C ASP A 73 -15.96 44.67 -47.12
N PRO A 74 -15.25 44.98 -48.21
CA PRO A 74 -14.10 44.21 -48.68
C PRO A 74 -13.01 44.11 -47.64
N ASP A 75 -12.78 45.21 -46.94
CA ASP A 75 -11.73 45.22 -45.92
C ASP A 75 -12.04 44.42 -44.66
N LEU A 76 -13.27 43.92 -44.57
CA LEU A 76 -13.71 43.13 -43.42
C LEU A 76 -13.69 41.64 -43.76
N GLY A 77 -13.73 40.81 -42.73
CA GLY A 77 -13.76 39.37 -42.91
C GLY A 77 -12.76 38.80 -43.90
N GLY A 78 -11.50 38.83 -43.53
CA GLY A 78 -10.47 38.30 -44.40
C GLY A 78 -9.44 37.49 -43.64
N THR A 79 -9.88 36.68 -42.70
CA THR A 79 -8.96 35.87 -41.91
C THR A 79 -9.61 34.58 -41.48
N LEU A 80 -8.95 33.48 -41.81
CA LEU A 80 -9.42 32.15 -41.41
C LEU A 80 -8.15 31.31 -41.23
N PHE A 81 -7.88 30.89 -40.00
CA PHE A 81 -6.68 30.11 -39.74
C PHE A 81 -6.90 28.61 -39.68
N VAL A 82 -8.06 28.16 -39.23
CA VAL A 82 -8.34 26.73 -39.13
C VAL A 82 -9.62 26.39 -39.88
N SER A 83 -9.55 26.37 -41.21
CA SER A 83 -10.68 26.10 -42.10
C SER A 83 -12.02 25.57 -41.56
N ASN A 84 -12.00 24.47 -40.84
CA ASN A 84 -13.25 23.93 -40.33
C ASN A 84 -13.82 24.67 -39.12
N SER A 85 -13.28 25.83 -38.80
CA SER A 85 -13.76 26.63 -37.66
C SER A 85 -15.23 27.01 -37.83
N SER A 86 -16.01 26.93 -36.75
CA SER A 86 -17.43 27.25 -36.80
C SER A 86 -18.01 27.75 -35.47
N ILE A 87 -19.15 28.41 -35.53
CA ILE A 87 -19.82 28.93 -34.35
C ILE A 87 -20.92 27.94 -34.15
N LYS A 88 -20.99 27.33 -32.97
CA LYS A 88 -22.04 26.35 -32.72
C LYS A 88 -22.87 26.73 -31.49
N PRO A 89 -23.96 27.49 -31.70
CA PRO A 89 -24.84 27.92 -30.61
C PRO A 89 -25.66 26.75 -30.08
N ASP A 90 -25.56 26.54 -28.77
CA ASP A 90 -26.26 25.48 -28.05
C ASP A 90 -27.57 25.04 -28.67
N GLY A 91 -28.47 26.00 -28.78
CA GLY A 91 -29.80 25.72 -29.30
C GLY A 91 -30.07 25.93 -30.77
N GLY A 92 -29.10 25.57 -31.61
CA GLY A 92 -29.29 25.70 -33.04
C GLY A 92 -29.72 27.04 -33.60
N ILE A 93 -30.12 27.05 -34.86
CA ILE A 93 -30.55 28.26 -35.56
C ILE A 93 -31.75 27.98 -36.45
N VAL A 94 -32.67 28.91 -36.56
CA VAL A 94 -33.83 28.75 -37.41
C VAL A 94 -33.77 29.88 -38.45
N GLU A 95 -33.91 29.55 -39.73
CA GLU A 95 -33.83 30.55 -40.79
C GLU A 95 -35.00 30.49 -41.77
N VAL A 96 -35.37 31.63 -42.35
CA VAL A 96 -36.44 31.69 -43.35
C VAL A 96 -35.78 31.87 -44.69
N LYS A 97 -36.50 31.60 -45.76
CA LYS A 97 -35.92 31.79 -47.08
C LYS A 97 -36.57 33.05 -47.67
N ASP A 98 -35.80 34.11 -47.83
CA ASP A 98 -36.34 35.36 -48.36
C ASP A 98 -36.66 35.32 -49.85
N ASP A 99 -37.46 36.27 -50.30
CA ASP A 99 -37.89 36.41 -51.69
C ASP A 99 -36.77 36.26 -52.69
N TYR A 100 -35.55 36.58 -52.26
CA TYR A 100 -34.39 36.51 -53.13
C TYR A 100 -33.59 35.21 -53.03
N GLY A 101 -34.20 34.15 -52.50
CA GLY A 101 -33.54 32.86 -52.38
C GLY A 101 -32.41 32.64 -51.37
N GLU A 102 -32.15 33.63 -50.53
CA GLU A 102 -31.12 33.52 -49.51
C GLU A 102 -31.80 33.06 -48.23
N TRP A 103 -31.01 32.76 -47.22
CA TRP A 103 -31.58 32.36 -45.95
C TRP A 103 -31.32 33.46 -44.94
N ARG A 104 -32.36 33.84 -44.20
CA ARG A 104 -32.25 34.88 -43.20
C ARG A 104 -32.42 34.25 -41.82
N VAL A 105 -31.68 34.79 -40.85
CA VAL A 105 -31.68 34.30 -39.48
C VAL A 105 -32.94 34.74 -38.74
N VAL A 106 -33.58 33.80 -38.05
CA VAL A 106 -34.82 34.06 -37.32
C VAL A 106 -34.69 33.80 -35.81
N LEU A 107 -33.90 32.79 -35.43
CA LEU A 107 -33.74 32.46 -34.02
C LEU A 107 -32.43 31.74 -33.74
N VAL A 108 -31.65 32.26 -32.78
CA VAL A 108 -30.39 31.64 -32.36
C VAL A 108 -30.50 31.58 -30.84
N ALA A 109 -30.75 30.40 -30.31
CA ALA A 109 -30.91 30.28 -28.87
C ALA A 109 -29.73 29.61 -28.23
N GLU A 110 -29.47 29.99 -26.99
CA GLU A 110 -28.37 29.44 -26.22
C GLU A 110 -28.74 29.54 -24.75
N ALA A 111 -28.39 28.52 -23.96
CA ALA A 111 -28.71 28.50 -22.53
C ALA A 111 -27.53 28.03 -21.66
N LYS A 112 -27.25 28.81 -20.62
CA LYS A 112 -26.16 28.51 -19.70
C LYS A 112 -26.65 28.07 -18.33
N HIS A 113 -25.86 27.24 -17.65
CA HIS A 113 -26.21 26.69 -16.35
C HIS A 113 -25.23 26.93 -15.22
N GLN A 114 -24.44 28.01 -15.29
CA GLN A 114 -23.48 28.31 -14.23
C GLN A 114 -24.23 28.44 -12.88
N GLY A 115 -23.89 27.58 -11.93
CA GLY A 115 -24.52 27.61 -10.61
C GLY A 115 -24.13 26.34 -9.82
N LYS A 116 -25.16 25.63 -9.37
CA LYS A 116 -25.01 24.33 -8.66
C LYS A 116 -24.59 24.50 -7.19
N ASP A 117 -25.34 25.31 -6.49
CA ASP A 117 -25.08 25.59 -5.07
C ASP A 117 -26.33 25.32 -4.22
N ILE A 118 -27.44 25.00 -4.89
CA ILE A 118 -28.75 24.92 -4.20
C ILE A 118 -29.69 23.72 -4.56
N ILE A 119 -29.58 23.18 -5.76
CA ILE A 119 -30.54 22.14 -6.28
C ILE A 119 -30.23 20.66 -5.85
N ASN A 120 -31.36 20.00 -5.50
CA ASN A 120 -31.55 18.59 -4.93
C ASN A 120 -30.38 17.62 -5.09
N LYS A 129 -11.91 24.91 1.07
CA LYS A 129 -10.99 23.94 0.47
C LYS A 129 -11.60 23.24 -0.76
N ARG A 130 -10.86 23.25 -1.87
CA ARG A 130 -11.29 22.63 -3.12
C ARG A 130 -11.22 21.11 -2.98
N GLY A 131 -12.08 20.42 -3.72
CA GLY A 131 -12.11 18.97 -3.71
C GLY A 131 -11.58 18.44 -5.03
N ASP A 132 -12.06 17.27 -5.46
CA ASP A 132 -11.64 16.67 -6.74
C ASP A 132 -11.82 17.78 -7.79
N GLN A 133 -12.80 18.63 -7.49
CA GLN A 133 -13.14 19.77 -8.31
C GLN A 133 -12.98 20.97 -7.40
N ASP A 134 -12.84 22.14 -8.01
CA ASP A 134 -12.69 23.41 -7.31
C ASP A 134 -13.68 23.68 -6.17
N LEU A 135 -13.47 24.80 -5.48
CA LEU A 135 -14.37 25.23 -4.41
C LEU A 135 -15.66 25.64 -5.12
N MET A 136 -16.80 25.25 -4.57
CA MET A 136 -18.09 25.59 -5.21
C MET A 136 -18.63 26.91 -4.62
N ALA A 137 -18.27 28.05 -5.25
CA ALA A 137 -18.69 29.39 -4.75
C ALA A 137 -19.02 30.39 -5.88
N ALA A 138 -18.11 30.52 -6.84
CA ALA A 138 -18.28 31.44 -7.98
C ALA A 138 -17.33 31.04 -9.11
N GLY A 139 -17.73 31.39 -10.31
CA GLY A 139 -16.95 31.09 -11.53
C GLY A 139 -17.23 32.14 -12.59
N ASN A 140 -16.44 32.11 -13.64
CA ASN A 140 -16.57 33.09 -14.72
C ASN A 140 -16.81 32.41 -16.07
N ALA A 141 -17.29 31.19 -16.02
CA ALA A 141 -17.53 30.39 -17.23
C ALA A 141 -18.44 31.09 -18.22
N ILE A 142 -19.31 31.98 -17.74
CA ILE A 142 -20.22 32.67 -18.66
C ILE A 142 -19.57 33.73 -19.54
N GLU A 143 -18.41 34.26 -19.12
CA GLU A 143 -17.71 35.28 -19.90
C GLU A 143 -17.39 34.82 -21.32
N ARG A 144 -17.45 33.52 -21.57
CA ARG A 144 -17.15 32.95 -22.87
C ARG A 144 -17.99 33.22 -23.98
N SER A 145 -19.06 33.67 -23.68
CA SER A 145 -19.91 33.99 -24.72
C SER A 145 -19.17 35.07 -25.57
N HIS A 146 -17.83 35.23 -25.38
CA HIS A 146 -17.06 36.22 -26.21
C HIS A 146 -17.33 35.87 -27.67
N LYS A 147 -16.89 34.67 -27.99
CA LYS A 147 -17.05 34.12 -29.33
C LYS A 147 -18.51 34.16 -29.74
N ASN A 148 -19.39 33.36 -29.09
CA ASN A 148 -20.68 32.96 -29.63
C ASN A 148 -21.64 34.07 -30.02
N ILE A 149 -21.52 35.24 -29.40
CA ILE A 149 -22.41 36.33 -29.76
C ILE A 149 -21.76 37.19 -30.83
N SER A 150 -20.61 37.77 -30.52
CA SER A 150 -19.91 38.62 -31.47
C SER A 150 -19.88 37.98 -32.85
N GLU A 151 -19.67 36.67 -32.90
CA GLU A 151 -19.64 36.00 -34.19
C GLU A 151 -20.97 36.08 -34.90
N ILE A 152 -22.05 35.84 -34.17
CA ILE A 152 -23.37 35.90 -34.78
C ILE A 152 -23.78 37.31 -35.17
N ALA A 153 -23.61 38.27 -34.28
CA ALA A 153 -23.98 39.63 -34.59
C ALA A 153 -23.21 40.11 -35.79
N ASN A 154 -22.01 39.60 -35.99
CA ASN A 154 -21.22 40.00 -37.15
C ASN A 154 -21.82 39.34 -38.40
N PHE A 155 -22.19 38.07 -38.29
CA PHE A 155 -22.82 37.31 -39.39
C PHE A 155 -24.11 37.99 -39.82
N MET A 156 -24.69 38.77 -38.91
CA MET A 156 -25.92 39.50 -39.15
C MET A 156 -25.69 41.00 -39.13
N LEU A 157 -24.50 41.45 -39.51
CA LEU A 157 -24.22 42.87 -39.48
C LEU A 157 -25.02 43.65 -40.51
N SER A 158 -25.64 42.94 -41.45
CA SER A 158 -26.43 43.62 -42.48
C SER A 158 -27.92 43.43 -42.32
N GLU A 159 -28.34 42.91 -41.16
CA GLU A 159 -29.75 42.69 -40.87
C GLU A 159 -30.18 43.81 -39.93
N SER A 160 -31.49 43.99 -39.76
CA SER A 160 -31.98 45.04 -38.86
C SER A 160 -32.60 44.44 -37.60
N HIS A 161 -32.03 43.34 -37.14
CA HIS A 161 -32.49 42.66 -35.94
C HIS A 161 -31.44 41.67 -35.48
N PHE A 162 -31.50 41.31 -34.20
CA PHE A 162 -30.55 40.38 -33.61
C PHE A 162 -31.35 39.45 -32.69
N PRO A 163 -31.98 38.40 -33.28
CA PRO A 163 -32.78 37.42 -32.53
C PRO A 163 -31.92 36.46 -31.70
N TYR A 164 -30.96 37.00 -30.97
CA TYR A 164 -30.09 36.17 -30.16
C TYR A 164 -30.73 36.04 -28.79
N VAL A 165 -30.99 34.82 -28.35
CA VAL A 165 -31.61 34.62 -27.05
C VAL A 165 -30.74 33.76 -26.16
N LEU A 166 -30.52 34.22 -24.92
CA LEU A 166 -29.69 33.50 -23.96
C LEU A 166 -30.56 33.17 -22.75
N PHE A 167 -30.51 31.93 -22.28
CA PHE A 167 -31.29 31.50 -21.12
C PHE A 167 -30.34 31.14 -19.98
N LEU A 168 -30.25 32.02 -18.98
CA LEU A 168 -29.37 31.78 -17.84
C LEU A 168 -30.10 30.99 -16.77
N GLU A 169 -29.40 30.04 -16.15
CA GLU A 169 -29.98 29.19 -15.12
C GLU A 169 -28.92 28.74 -14.14
N GLY A 170 -29.09 29.09 -12.87
CA GLY A 170 -28.12 28.68 -11.87
C GLY A 170 -28.09 29.50 -10.59
N SER A 171 -27.30 29.04 -9.64
CA SER A 171 -27.15 29.71 -8.35
C SER A 171 -26.10 30.81 -8.44
N ASN A 172 -26.07 31.48 -9.59
CA ASN A 172 -25.14 32.58 -9.84
C ASN A 172 -25.91 33.69 -10.51
N PHE A 173 -27.05 33.34 -11.10
CA PHE A 173 -27.91 34.29 -11.82
C PHE A 173 -29.23 34.56 -11.09
N LEU A 174 -29.12 34.98 -9.83
CA LEU A 174 -30.29 35.28 -9.04
C LEU A 174 -30.63 36.77 -9.15
N THR A 175 -31.89 37.07 -9.41
CA THR A 175 -32.35 38.45 -9.54
C THR A 175 -32.85 38.96 -8.20
N GLU A 176 -33.63 38.11 -7.55
CA GLU A 176 -34.21 38.39 -6.26
C GLU A 176 -33.47 37.50 -5.26
N ASN A 177 -33.70 37.73 -3.98
CA ASN A 177 -33.07 36.91 -2.96
C ASN A 177 -34.02 35.74 -2.67
N ILE A 178 -33.43 34.60 -2.29
CA ILE A 178 -34.18 33.40 -1.94
C ILE A 178 -33.41 32.68 -0.84
N SER A 179 -34.15 32.00 0.03
CA SER A 179 -33.53 31.27 1.13
C SER A 179 -33.95 29.81 1.01
N ILE A 180 -32.95 28.92 0.99
CA ILE A 180 -33.23 27.51 0.87
C ILE A 180 -32.91 26.73 2.14
N THR A 181 -33.84 25.86 2.51
CA THR A 181 -33.68 25.00 3.67
C THR A 181 -32.59 23.98 3.32
N ARG A 182 -32.05 23.30 4.33
CA ARG A 182 -30.99 22.33 4.08
C ARG A 182 -31.36 20.94 4.63
N PRO A 183 -30.49 19.93 4.41
CA PRO A 183 -30.78 18.58 4.90
C PRO A 183 -31.05 18.64 6.38
N ASP A 184 -30.06 19.17 7.11
CA ASP A 184 -30.13 19.29 8.58
C ASP A 184 -30.54 20.73 9.02
N GLY A 185 -31.83 20.94 8.85
CA GLY A 185 -32.61 22.13 9.31
C GLY A 185 -32.23 23.51 8.70
N ARG A 186 -30.96 23.82 8.69
CA ARG A 186 -30.47 25.15 8.25
C ARG A 186 -31.19 25.64 6.97
N VAL A 187 -31.64 26.90 7.02
CA VAL A 187 -32.37 27.52 5.89
C VAL A 187 -31.56 28.59 5.16
N VAL A 188 -30.43 28.17 4.64
CA VAL A 188 -29.50 29.06 3.90
C VAL A 188 -30.24 30.23 3.25
N ASN A 189 -29.85 31.42 3.65
CA ASN A 189 -30.44 32.63 3.08
C ASN A 189 -29.46 33.28 2.11
N LEU A 190 -29.66 33.00 0.82
CA LEU A 190 -28.81 33.51 -0.24
C LEU A 190 -29.26 34.86 -0.77
N GLU A 191 -28.44 35.88 -0.53
CA GLU A 191 -28.70 37.24 -0.99
C GLU A 191 -28.28 37.33 -2.47
N TYR A 192 -29.25 37.58 -3.37
CA TYR A 192 -28.95 37.65 -4.79
C TYR A 192 -27.71 38.49 -5.13
N ASN A 193 -27.61 39.67 -4.53
CA ASN A 193 -26.48 40.55 -4.81
C ASN A 193 -25.21 40.30 -4.01
N SER A 194 -24.98 39.05 -3.62
CA SER A 194 -23.76 38.73 -2.90
C SER A 194 -22.69 38.64 -3.96
N GLY A 195 -21.57 39.30 -3.71
CA GLY A 195 -20.48 39.28 -4.67
C GLY A 195 -20.03 37.87 -5.00
N ILE A 196 -19.80 37.07 -3.97
CA ILE A 196 -19.34 35.71 -4.16
C ILE A 196 -20.31 34.89 -5.00
N LEU A 197 -21.58 35.25 -5.06
CA LEU A 197 -22.50 34.41 -5.82
C LEU A 197 -23.26 34.95 -7.05
N ASN A 198 -23.06 36.21 -7.41
CA ASN A 198 -23.77 36.71 -8.57
C ASN A 198 -22.88 36.94 -9.78
N ARG A 199 -23.16 36.21 -10.84
CA ARG A 199 -22.40 36.31 -12.08
C ARG A 199 -23.22 36.89 -13.23
N LEU A 200 -24.43 37.35 -12.95
CA LEU A 200 -25.28 37.92 -13.98
C LEU A 200 -24.69 39.17 -14.66
N ASP A 201 -23.92 39.94 -13.91
CA ASP A 201 -23.29 41.18 -14.37
C ASP A 201 -22.21 41.06 -15.44
N ARG A 202 -21.72 39.85 -15.68
CA ARG A 202 -20.68 39.64 -16.69
C ARG A 202 -21.31 39.51 -18.08
N LEU A 203 -22.61 39.20 -18.10
CA LEU A 203 -23.37 39.04 -19.35
C LEU A 203 -24.01 40.33 -19.81
N THR A 204 -24.34 41.22 -18.88
CA THR A 204 -25.00 42.46 -19.20
C THR A 204 -24.45 43.31 -20.34
N ALA A 205 -23.13 43.41 -20.47
CA ALA A 205 -22.59 44.23 -21.55
C ALA A 205 -23.12 43.76 -22.91
N ALA A 206 -23.67 42.56 -22.95
CA ALA A 206 -24.20 42.01 -24.18
C ALA A 206 -25.53 42.63 -24.59
N ASN A 207 -26.05 43.59 -23.82
CA ASN A 207 -27.31 44.22 -24.21
C ASN A 207 -27.36 45.72 -23.98
N TYR A 208 -26.21 46.29 -23.63
CA TYR A 208 -26.07 47.72 -23.40
C TYR A 208 -26.76 48.19 -22.14
N GLY A 209 -26.81 47.33 -21.13
CA GLY A 209 -27.45 47.70 -19.88
C GLY A 209 -28.96 47.67 -19.93
N MET A 210 -29.52 47.22 -21.06
CA MET A 210 -30.96 47.17 -21.25
C MET A 210 -31.66 46.13 -20.38
N PRO A 211 -33.00 46.17 -20.33
CA PRO A 211 -33.81 45.24 -19.54
C PRO A 211 -33.58 43.75 -19.71
N ILE A 212 -33.24 43.09 -18.61
CA ILE A 212 -33.04 41.66 -18.56
C ILE A 212 -34.42 41.09 -18.76
N ASN A 213 -34.52 39.92 -19.37
CA ASN A 213 -35.80 39.26 -19.62
C ASN A 213 -36.75 40.12 -20.42
N SER A 214 -36.38 40.41 -21.65
CA SER A 214 -37.21 41.23 -22.50
C SER A 214 -36.87 40.90 -23.95
N ASN A 215 -37.87 40.85 -24.81
CA ASN A 215 -37.63 40.53 -26.21
C ASN A 215 -36.96 41.65 -27.00
N LEU A 216 -35.65 41.79 -26.83
CA LEU A 216 -34.93 42.84 -27.55
C LEU A 216 -34.52 42.36 -28.96
N CYS A 217 -35.47 41.88 -29.74
CA CYS A 217 -35.16 41.40 -31.07
C CYS A 217 -34.90 42.51 -32.07
N ILE A 218 -35.62 43.61 -31.95
CA ILE A 218 -35.46 44.70 -32.90
C ILE A 218 -34.32 45.68 -32.60
N ASN A 219 -33.43 45.87 -33.58
CA ASN A 219 -32.28 46.77 -33.45
C ASN A 219 -32.66 48.22 -33.17
N LYS A 220 -32.10 48.76 -32.09
CA LYS A 220 -32.35 50.15 -31.67
C LYS A 220 -31.22 51.04 -32.18
N PHE A 221 -31.55 51.91 -33.13
CA PHE A 221 -30.56 52.82 -33.72
C PHE A 221 -30.26 54.06 -32.90
N VAL A 222 -29.14 54.06 -32.18
CA VAL A 222 -28.75 55.22 -31.40
C VAL A 222 -28.05 56.14 -32.38
N ASN A 223 -27.85 57.39 -31.99
CA ASN A 223 -27.21 58.31 -32.89
C ASN A 223 -26.43 59.31 -32.06
N HIS A 224 -25.14 59.36 -32.30
CA HIS A 224 -24.28 60.29 -31.57
C HIS A 224 -23.49 61.15 -32.54
N LYS A 225 -23.72 62.44 -32.41
CA LYS A 225 -23.05 63.46 -33.21
C LYS A 225 -23.29 63.29 -34.72
N ASP A 226 -24.56 63.26 -35.09
CA ASP A 226 -24.97 63.18 -36.50
C ASP A 226 -24.83 61.82 -37.05
N LYS A 227 -24.71 60.91 -36.16
CA LYS A 227 -24.52 59.55 -36.56
C LYS A 227 -25.47 58.64 -35.82
N SER A 228 -26.08 57.82 -36.63
CA SER A 228 -27.01 56.80 -36.19
C SER A 228 -26.31 55.43 -36.28
N ILE A 229 -25.59 55.12 -35.21
CA ILE A 229 -24.88 53.82 -35.10
C ILE A 229 -25.85 52.79 -34.52
N MET A 230 -25.79 51.62 -35.11
CA MET A 230 -26.72 50.53 -34.78
C MET A 230 -26.28 49.64 -33.66
N LEU A 231 -27.17 49.43 -32.70
CA LEU A 231 -26.89 48.55 -31.57
C LEU A 231 -27.54 47.20 -31.80
N GLN A 232 -26.86 46.14 -31.40
CA GLN A 232 -27.38 44.79 -31.53
C GLN A 232 -27.29 44.24 -30.14
N ALA A 233 -28.43 43.95 -29.53
CA ALA A 233 -28.44 43.45 -28.17
C ALA A 233 -29.00 42.04 -28.08
N ALA A 234 -28.39 41.23 -27.23
CA ALA A 234 -28.84 39.88 -27.06
C ALA A 234 -29.87 39.89 -25.95
N SER A 235 -31.07 39.36 -26.20
CA SER A 235 -32.13 39.29 -25.20
C SER A 235 -31.76 38.29 -24.12
N ILE A 236 -31.19 38.77 -23.02
CA ILE A 236 -30.77 37.90 -21.91
C ILE A 236 -31.91 37.58 -20.95
N TYR A 237 -32.31 36.32 -20.85
CA TYR A 237 -33.37 35.90 -19.95
C TYR A 237 -32.78 35.15 -18.73
N THR A 238 -33.49 35.12 -17.60
CA THR A 238 -32.97 34.45 -16.40
C THR A 238 -34.06 34.14 -15.40
N GLN A 239 -33.99 32.97 -14.80
CA GLN A 239 -34.96 32.58 -13.77
C GLN A 239 -34.25 32.81 -12.44
N GLY A 240 -34.18 34.09 -12.07
CA GLY A 240 -33.49 34.50 -10.86
C GLY A 240 -34.06 34.14 -9.50
N ASP A 241 -34.85 33.07 -9.43
CA ASP A 241 -35.40 32.60 -8.17
C ASP A 241 -34.64 31.32 -7.82
N GLY A 242 -33.83 30.85 -8.77
CA GLY A 242 -33.09 29.63 -8.53
C GLY A 242 -33.73 28.47 -9.25
N ARG A 243 -35.06 28.46 -9.35
CA ARG A 243 -35.79 27.40 -10.04
C ARG A 243 -35.38 27.32 -11.53
N GLU A 244 -35.26 26.08 -12.05
CA GLU A 244 -34.86 25.86 -13.44
C GLU A 244 -35.93 26.16 -14.48
N TRP A 245 -35.48 26.31 -15.72
CA TRP A 245 -36.36 26.67 -16.83
C TRP A 245 -37.46 25.73 -17.23
N ASP A 246 -38.67 26.28 -17.25
CA ASP A 246 -39.87 25.54 -17.63
C ASP A 246 -39.96 25.53 -19.16
N SER A 247 -39.63 24.41 -19.74
CA SER A 247 -39.65 24.23 -21.18
C SER A 247 -40.87 24.82 -21.92
N LYS A 248 -42.06 24.59 -21.40
CA LYS A 248 -43.27 25.14 -22.02
C LYS A 248 -43.11 26.63 -22.32
N ILE A 249 -42.50 27.35 -21.39
CA ILE A 249 -42.28 28.78 -21.52
C ILE A 249 -41.13 29.10 -22.46
N MET A 250 -40.09 28.27 -22.41
CA MET A 250 -38.93 28.46 -23.28
C MET A 250 -39.39 28.44 -24.73
N PHE A 251 -40.55 27.83 -24.98
CA PHE A 251 -41.14 27.75 -26.32
C PHE A 251 -41.70 29.09 -26.75
N GLU A 252 -42.62 29.68 -25.98
CA GLU A 252 -43.19 30.98 -26.36
C GLU A 252 -42.13 32.05 -26.47
N ILE A 253 -41.20 32.06 -25.51
CA ILE A 253 -40.14 33.06 -25.51
C ILE A 253 -39.48 33.06 -26.86
N MET A 254 -38.89 31.92 -27.21
CA MET A 254 -38.22 31.80 -28.48
C MET A 254 -39.18 32.13 -29.62
N PHE A 255 -40.46 31.76 -29.47
CA PHE A 255 -41.47 32.04 -30.49
C PHE A 255 -41.76 33.54 -30.59
N ASP A 256 -41.58 34.30 -29.51
CA ASP A 256 -41.81 35.74 -29.56
C ASP A 256 -40.64 36.33 -30.35
N ILE A 257 -39.43 35.92 -30.01
CA ILE A 257 -38.27 36.42 -30.73
C ILE A 257 -38.51 36.10 -32.21
N SER A 258 -38.74 34.83 -32.51
CA SER A 258 -38.99 34.39 -33.89
C SER A 258 -39.96 35.31 -34.63
N THR A 259 -41.17 35.41 -34.13
CA THR A 259 -42.17 36.24 -34.78
C THR A 259 -41.64 37.64 -35.12
N THR A 260 -41.00 38.29 -34.16
CA THR A 260 -40.48 39.64 -34.41
C THR A 260 -39.39 39.63 -35.50
N SER A 261 -38.72 38.50 -35.66
CA SER A 261 -37.73 38.38 -36.70
C SER A 261 -38.47 38.40 -38.03
N LEU A 262 -39.63 37.76 -38.10
CA LEU A 262 -40.40 37.75 -39.33
C LEU A 262 -41.09 39.07 -39.51
N ARG A 263 -41.27 39.78 -38.41
CA ARG A 263 -41.91 41.09 -38.43
C ARG A 263 -41.00 42.06 -39.16
N VAL A 264 -39.70 41.93 -38.93
CA VAL A 264 -38.73 42.81 -39.55
C VAL A 264 -38.35 42.39 -40.96
N LEU A 265 -38.37 41.08 -41.21
CA LEU A 265 -38.04 40.52 -42.51
C LEU A 265 -39.26 40.56 -43.43
N GLY A 266 -40.29 41.28 -42.99
CA GLY A 266 -41.52 41.39 -43.75
C GLY A 266 -41.36 41.83 -45.19
N ARG A 267 -40.77 43.00 -45.40
CA ARG A 267 -40.60 43.49 -46.77
C ARG A 267 -39.85 42.54 -47.70
N ASP A 268 -38.90 41.78 -47.16
CA ASP A 268 -38.16 40.85 -47.99
C ASP A 268 -38.83 39.50 -48.12
N LEU A 269 -40.03 39.39 -47.58
CA LEU A 269 -40.78 38.15 -47.67
C LEU A 269 -42.09 38.35 -48.43
N PHE A 270 -42.55 39.60 -48.47
CA PHE A 270 -43.80 40.02 -49.11
C PHE A 270 -44.49 39.12 -50.13
N GLU A 271 -43.98 39.07 -51.35
CA GLU A 271 -44.62 38.25 -52.36
C GLU A 271 -44.70 36.76 -52.10
N GLN A 272 -43.73 36.19 -51.38
CA GLN A 272 -43.80 34.77 -51.07
C GLN A 272 -45.04 34.54 -50.19
N LEU A 273 -45.49 35.63 -49.57
CA LEU A 273 -46.68 35.61 -48.72
C LEU A 273 -47.88 35.90 -49.61
N THR A 274 -47.65 36.66 -50.68
CA THR A 274 -48.71 37.02 -51.61
C THR A 274 -48.90 35.97 -52.71
N SER A 275 -49.07 34.71 -52.33
CA SER A 275 -49.28 33.64 -53.30
C SER A 275 -50.74 33.71 -53.80
N LYS A 276 -51.53 34.53 -53.11
CA LYS A 276 -52.96 34.77 -53.42
C LYS A 276 -53.42 36.07 -52.74
N SER B 16 64.48 28.07 -13.90
CA SER B 16 64.50 26.65 -13.55
C SER B 16 63.22 26.08 -12.89
N GLN B 17 62.42 26.90 -12.25
CA GLN B 17 61.16 26.40 -11.62
C GLN B 17 60.13 26.11 -12.75
N GLY B 18 60.43 25.11 -13.60
CA GLY B 18 59.63 24.82 -14.84
C GLY B 18 58.69 23.59 -14.78
N VAL B 19 59.23 22.46 -15.21
CA VAL B 19 58.49 21.17 -15.31
C VAL B 19 57.74 20.84 -14.01
N ILE B 20 58.43 20.93 -12.89
CA ILE B 20 57.81 20.62 -11.59
C ILE B 20 56.77 21.66 -11.23
N GLY B 21 56.79 22.70 -12.01
CA GLY B 21 55.85 23.80 -11.84
C GLY B 21 54.57 23.46 -12.59
N ILE B 22 54.74 23.22 -13.87
CA ILE B 22 53.61 22.95 -14.78
C ILE B 22 52.83 21.70 -14.41
N PHE B 23 53.52 20.73 -13.81
CA PHE B 23 52.87 19.49 -13.38
C PHE B 23 51.97 19.81 -12.19
N GLY B 24 52.56 20.43 -11.17
CA GLY B 24 51.81 20.80 -9.97
C GLY B 24 50.55 21.58 -10.29
N ASP B 25 50.66 22.50 -11.26
CA ASP B 25 49.51 23.31 -11.67
C ASP B 25 48.42 22.39 -12.26
N TYR B 26 48.83 21.54 -13.22
CA TYR B 26 47.93 20.60 -13.90
C TYR B 26 47.23 19.68 -12.90
N ALA B 27 47.89 19.37 -11.79
CA ALA B 27 47.31 18.50 -10.77
C ALA B 27 46.06 19.17 -10.20
N LYS B 28 46.25 20.41 -9.76
CA LYS B 28 45.20 21.22 -9.17
C LYS B 28 44.14 21.62 -10.18
N ALA B 29 44.58 22.03 -11.36
CA ALA B 29 43.69 22.44 -12.44
C ALA B 29 42.77 21.31 -12.96
N HIS B 30 42.79 20.15 -12.31
CA HIS B 30 41.96 19.01 -12.69
C HIS B 30 41.56 18.28 -11.43
N ASP B 31 41.98 18.82 -10.28
CA ASP B 31 41.71 18.23 -8.97
C ASP B 31 42.03 16.74 -9.12
N LEU B 32 43.29 16.48 -9.44
CA LEU B 32 43.79 15.12 -9.64
C LEU B 32 43.66 14.20 -8.43
N ALA B 33 43.17 12.99 -8.69
CA ALA B 33 43.00 11.99 -7.66
C ALA B 33 44.34 11.61 -7.05
N VAL B 34 44.33 11.14 -5.79
CA VAL B 34 45.55 10.75 -5.09
C VAL B 34 46.29 9.69 -5.88
N GLY B 35 45.54 8.82 -6.55
CA GLY B 35 46.17 7.79 -7.36
C GLY B 35 46.73 8.44 -8.62
N GLU B 36 45.95 9.35 -9.19
CA GLU B 36 46.36 10.06 -10.39
C GLU B 36 47.61 10.91 -10.20
N VAL B 37 47.75 11.48 -9.01
CA VAL B 37 48.90 12.31 -8.70
C VAL B 37 50.19 11.53 -8.78
N SER B 38 50.19 10.33 -8.19
CA SER B 38 51.38 9.47 -8.19
C SER B 38 51.92 9.17 -9.59
N LYS B 39 51.03 9.07 -10.57
CA LYS B 39 51.44 8.84 -11.96
C LYS B 39 52.23 10.08 -12.40
N LEU B 40 51.66 11.26 -12.17
CA LEU B 40 52.31 12.52 -12.54
C LEU B 40 53.65 12.57 -11.84
N VAL B 41 53.65 12.11 -10.58
CA VAL B 41 54.85 12.09 -9.77
C VAL B 41 55.93 11.22 -10.40
N LYS B 42 55.54 10.12 -11.03
CA LYS B 42 56.52 9.27 -11.71
C LYS B 42 56.97 10.06 -12.94
N LYS B 43 56.00 10.65 -13.64
CA LYS B 43 56.26 11.44 -14.83
C LYS B 43 57.36 12.46 -14.57
N ALA B 44 57.29 13.10 -13.40
CA ALA B 44 58.28 14.09 -12.99
C ALA B 44 59.54 13.43 -12.43
N LEU B 45 59.36 12.42 -11.59
CA LEU B 45 60.47 11.69 -10.99
C LEU B 45 61.43 11.27 -12.08
N SER B 46 60.87 10.89 -13.23
CA SER B 46 61.66 10.45 -14.39
C SER B 46 62.34 11.65 -15.05
N ASN B 47 61.51 12.58 -15.51
CA ASN B 47 61.95 13.81 -16.15
C ASN B 47 63.13 14.51 -15.44
N GLU B 48 63.15 14.42 -14.11
CA GLU B 48 64.18 15.03 -13.26
C GLU B 48 65.50 14.23 -13.16
N TYR B 49 65.42 12.90 -13.08
CA TYR B 49 66.62 12.03 -13.04
C TYR B 49 66.41 11.05 -14.19
N PRO B 50 66.57 11.52 -15.43
CA PRO B 50 66.41 10.70 -16.62
C PRO B 50 67.60 9.82 -16.99
N GLN B 51 68.05 9.03 -16.03
CA GLN B 51 69.15 8.11 -16.27
C GLN B 51 68.61 6.77 -15.81
N LEU B 52 67.70 6.87 -14.86
CA LEU B 52 67.06 5.73 -14.23
C LEU B 52 65.75 5.41 -14.93
N SER B 53 65.24 4.23 -14.67
CA SER B 53 63.97 3.82 -15.26
C SER B 53 62.94 3.73 -14.12
N PHE B 54 61.91 4.57 -14.22
CA PHE B 54 60.85 4.64 -13.22
C PHE B 54 59.64 3.90 -13.73
N ARG B 55 58.90 3.31 -12.81
CA ARG B 55 57.70 2.55 -13.15
C ARG B 55 56.64 2.72 -12.07
N TYR B 56 55.41 2.96 -12.50
CA TYR B 56 54.28 3.09 -11.61
C TYR B 56 53.42 1.85 -11.74
N ARG B 57 53.08 1.23 -10.62
CA ARG B 57 52.22 0.07 -10.64
C ARG B 57 51.19 0.27 -9.55
N ASP B 58 50.18 -0.59 -9.46
CA ASP B 58 49.16 -0.37 -8.45
C ASP B 58 48.73 -1.50 -7.55
N SER B 59 49.54 -2.54 -7.43
CA SER B 59 49.18 -3.64 -6.55
C SER B 59 50.44 -4.45 -6.35
N ILE B 60 50.55 -5.10 -5.20
CA ILE B 60 51.70 -5.94 -4.94
C ILE B 60 51.07 -7.29 -4.68
N LYS B 61 51.45 -8.31 -5.44
CA LYS B 61 50.88 -9.62 -5.23
C LYS B 61 51.42 -10.17 -3.92
N LYS B 62 50.51 -10.58 -3.03
CA LYS B 62 50.84 -11.12 -1.71
C LYS B 62 52.05 -12.02 -1.75
N THR B 63 52.30 -12.59 -2.91
CA THR B 63 53.45 -13.45 -3.12
C THR B 63 54.74 -12.64 -2.89
N GLU B 64 54.90 -11.59 -3.69
CA GLU B 64 56.07 -10.73 -3.64
C GLU B 64 56.56 -10.44 -2.23
N ILE B 65 55.62 -10.14 -1.34
CA ILE B 65 55.95 -9.83 0.04
C ILE B 65 56.70 -11.02 0.61
N ASN B 66 56.13 -12.21 0.45
CA ASN B 66 56.74 -13.43 0.95
C ASN B 66 58.10 -13.67 0.34
N GLU B 67 58.17 -13.62 -0.99
CA GLU B 67 59.43 -13.81 -1.70
C GLU B 67 60.45 -12.88 -1.04
N ALA B 68 60.05 -11.63 -0.84
CA ALA B 68 60.90 -10.62 -0.22
C ALA B 68 61.26 -11.01 1.20
N LEU B 69 60.30 -11.54 1.95
CA LEU B 69 60.54 -11.94 3.33
C LEU B 69 61.46 -13.16 3.51
N LYS B 70 61.35 -14.15 2.64
CA LYS B 70 62.20 -15.32 2.75
C LYS B 70 63.62 -14.82 2.54
N LYS B 71 63.77 -13.91 1.59
CA LYS B 71 65.08 -13.34 1.24
C LYS B 71 65.75 -12.75 2.46
N ILE B 72 64.95 -12.24 3.39
CA ILE B 72 65.48 -11.68 4.64
C ILE B 72 65.74 -12.84 5.58
N ASP B 73 64.74 -13.68 5.75
CA ASP B 73 64.87 -14.84 6.64
C ASP B 73 63.98 -15.96 6.14
N PRO B 74 64.52 -17.17 6.10
CA PRO B 74 63.82 -18.36 5.64
C PRO B 74 62.59 -18.64 6.48
N ASP B 75 62.70 -18.43 7.78
CA ASP B 75 61.58 -18.68 8.67
C ASP B 75 60.43 -17.68 8.55
N LEU B 76 60.63 -16.62 7.77
CA LEU B 76 59.62 -15.60 7.57
C LEU B 76 58.92 -15.79 6.23
N GLY B 77 57.77 -15.14 6.08
CA GLY B 77 57.02 -15.22 4.83
C GLY B 77 56.84 -16.59 4.24
N GLY B 78 56.03 -17.41 4.90
CA GLY B 78 55.77 -18.74 4.40
C GLY B 78 54.31 -19.12 4.51
N THR B 79 53.41 -18.20 4.18
CA THR B 79 52.00 -18.48 4.26
C THR B 79 51.24 -17.68 3.23
N LEU B 80 50.46 -18.39 2.42
CA LEU B 80 49.61 -17.76 1.42
C LEU B 80 48.38 -18.68 1.29
N PHE B 81 47.22 -18.18 1.67
CA PHE B 81 46.01 -18.98 1.60
C PHE B 81 45.15 -18.76 0.37
N VAL B 82 45.14 -17.55 -0.16
CA VAL B 82 44.34 -17.25 -1.35
C VAL B 82 45.20 -16.64 -2.44
N SER B 83 46.01 -17.48 -3.09
CA SER B 83 46.94 -17.09 -4.16
C SER B 83 46.90 -15.68 -4.77
N ASN B 84 45.75 -15.26 -5.28
CA ASN B 84 45.67 -13.94 -5.89
C ASN B 84 45.63 -12.78 -4.89
N SER B 85 45.89 -13.05 -3.62
CA SER B 85 45.88 -11.99 -2.59
C SER B 85 46.91 -10.90 -2.89
N SER B 86 46.53 -9.64 -2.68
CA SER B 86 47.43 -8.53 -2.97
C SER B 86 47.16 -7.27 -2.11
N ILE B 87 48.15 -6.40 -2.01
CA ILE B 87 48.02 -5.17 -1.25
C ILE B 87 47.80 -4.14 -2.32
N LYS B 88 46.71 -3.39 -2.24
CA LYS B 88 46.45 -2.38 -3.25
C LYS B 88 46.28 -1.01 -2.63
N PRO B 89 47.39 -0.25 -2.52
CA PRO B 89 47.37 1.10 -1.95
C PRO B 89 46.71 2.09 -2.88
N ASP B 90 45.69 2.78 -2.37
CA ASP B 90 44.91 3.78 -3.10
C ASP B 90 45.65 4.48 -4.20
N GLY B 91 46.74 5.15 -3.83
CA GLY B 91 47.51 5.92 -4.77
C GLY B 91 48.71 5.26 -5.44
N GLY B 92 48.57 4.00 -5.80
CA GLY B 92 49.64 3.31 -6.49
C GLY B 92 51.02 3.32 -5.85
N ILE B 93 52.02 2.90 -6.62
CA ILE B 93 53.41 2.83 -6.16
C ILE B 93 54.36 3.28 -7.26
N VAL B 94 55.44 3.95 -6.90
CA VAL B 94 56.43 4.39 -7.87
C VAL B 94 57.74 3.72 -7.47
N GLU B 95 58.43 3.09 -8.42
CA GLU B 95 59.68 2.39 -8.13
C GLU B 95 60.81 2.76 -9.09
N VAL B 96 62.05 2.70 -8.61
CA VAL B 96 63.22 2.99 -9.43
C VAL B 96 63.88 1.66 -9.72
N LYS B 97 64.73 1.62 -10.75
CA LYS B 97 65.42 0.38 -11.05
C LYS B 97 66.87 0.55 -10.59
N ASP B 98 67.27 -0.18 -9.55
CA ASP B 98 68.63 -0.07 -9.02
C ASP B 98 69.69 -0.67 -9.91
N ASP B 99 70.95 -0.31 -9.66
CA ASP B 99 72.10 -0.77 -10.41
C ASP B 99 72.12 -2.27 -10.63
N TYR B 100 71.47 -3.00 -9.74
CA TYR B 100 71.43 -4.46 -9.81
C TYR B 100 70.20 -5.03 -10.51
N GLY B 101 69.51 -4.21 -11.29
CA GLY B 101 68.33 -4.67 -12.03
C GLY B 101 67.03 -4.98 -11.30
N GLU B 102 66.97 -4.72 -10.00
CA GLU B 102 65.77 -4.95 -9.21
C GLU B 102 65.00 -3.65 -9.17
N TRP B 103 63.80 -3.69 -8.62
CA TRP B 103 63.01 -2.48 -8.50
C TRP B 103 62.92 -2.11 -7.04
N ARG B 104 63.17 -0.84 -6.73
CA ARG B 104 63.13 -0.35 -5.36
C ARG B 104 61.94 0.60 -5.23
N VAL B 105 61.30 0.56 -4.06
CA VAL B 105 60.14 1.38 -3.76
C VAL B 105 60.53 2.82 -3.49
N VAL B 106 59.81 3.76 -4.11
CA VAL B 106 60.08 5.18 -3.96
C VAL B 106 58.90 5.97 -3.36
N LEU B 107 57.67 5.56 -3.69
CA LEU B 107 56.50 6.27 -3.20
C LEU B 107 55.26 5.38 -3.16
N VAL B 108 54.61 5.30 -2.01
CA VAL B 108 53.37 4.54 -1.83
C VAL B 108 52.42 5.51 -1.16
N ALA B 109 51.47 6.05 -1.92
CA ALA B 109 50.56 7.01 -1.35
C ALA B 109 49.18 6.43 -1.13
N GLU B 110 48.50 6.95 -0.12
CA GLU B 110 47.17 6.51 0.22
C GLU B 110 46.47 7.68 0.91
N ALA B 111 45.17 7.87 0.61
CA ALA B 111 44.40 8.96 1.20
C ALA B 111 43.01 8.52 1.69
N LYS B 112 42.69 8.91 2.92
CA LYS B 112 41.42 8.56 3.53
C LYS B 112 40.50 9.76 3.70
N HIS B 113 39.20 9.52 3.65
CA HIS B 113 38.19 10.58 3.76
C HIS B 113 37.15 10.44 4.86
N GLN B 114 37.48 9.76 5.94
CA GLN B 114 36.55 9.60 7.05
C GLN B 114 36.13 10.98 7.58
N GLY B 115 34.83 11.28 7.49
CA GLY B 115 34.31 12.56 7.95
C GLY B 115 32.84 12.73 7.49
N LYS B 116 32.60 13.83 6.79
CA LYS B 116 31.28 14.15 6.16
C LYS B 116 30.26 14.67 7.19
N ASP B 117 30.66 15.68 7.91
CA ASP B 117 29.81 16.29 8.94
C ASP B 117 29.69 17.82 8.72
N ILE B 118 30.44 18.32 7.74
CA ILE B 118 30.56 19.79 7.56
C ILE B 118 30.50 20.34 6.10
N ILE B 119 30.89 19.56 5.10
CA ILE B 119 31.03 20.05 3.68
C ILE B 119 29.69 20.06 2.85
N ASN B 120 29.60 21.19 2.09
CA ASN B 120 28.47 21.69 1.20
C ASN B 120 27.43 20.65 0.77
N LYS B 129 19.31 9.23 16.12
CA LYS B 129 18.67 8.14 15.38
C LYS B 129 19.31 7.92 13.99
N ARG B 130 19.67 6.67 13.71
CA ARG B 130 20.28 6.29 12.44
C ARG B 130 19.24 6.33 11.33
N GLY B 131 19.69 6.62 10.11
CA GLY B 131 18.80 6.66 8.96
C GLY B 131 19.08 5.45 8.06
N ASP B 132 18.85 5.61 6.76
CA ASP B 132 19.10 4.53 5.79
C ASP B 132 20.54 4.05 6.07
N GLN B 133 21.33 5.00 6.55
CA GLN B 133 22.70 4.78 6.92
C GLN B 133 22.79 5.17 8.38
N ASP B 134 23.83 4.69 9.04
CA ASP B 134 24.09 4.97 10.46
C ASP B 134 23.99 6.43 10.89
N LEU B 135 24.14 6.66 12.20
CA LEU B 135 24.14 8.01 12.76
C LEU B 135 25.45 8.63 12.27
N MET B 136 25.40 9.88 11.84
CA MET B 136 26.62 10.54 11.33
C MET B 136 27.31 11.32 12.48
N ALA B 137 28.23 10.64 13.19
CA ALA B 137 28.94 11.26 14.35
C ALA B 137 30.42 10.85 14.47
N ALA B 138 30.69 9.56 14.40
CA ALA B 138 32.06 9.01 14.49
C ALA B 138 32.09 7.59 13.95
N GLY B 139 33.25 7.20 13.49
CA GLY B 139 33.48 5.86 12.91
C GLY B 139 34.92 5.46 13.12
N ASN B 140 35.20 4.21 12.83
CA ASN B 140 36.55 3.65 13.02
C ASN B 140 37.11 3.07 11.73
N ALA B 141 36.55 3.50 10.62
CA ALA B 141 36.94 3.00 9.29
C ALA B 141 38.43 3.15 9.03
N ILE B 142 39.08 4.11 9.67
CA ILE B 142 40.51 4.30 9.43
C ILE B 142 41.42 3.26 10.06
N GLU B 143 40.93 2.57 11.09
CA GLU B 143 41.72 1.53 11.75
C GLU B 143 42.19 0.43 10.79
N ARG B 144 41.59 0.37 9.61
CA ARG B 144 41.93 -0.65 8.63
C ARG B 144 43.20 -0.62 7.98
N SER B 145 43.79 0.43 8.11
CA SER B 145 45.04 0.49 7.55
C SER B 145 45.89 -0.60 8.24
N HIS B 146 45.24 -1.59 8.92
CA HIS B 146 46.02 -2.72 9.55
C HIS B 146 46.85 -3.35 8.47
N LYS B 147 46.12 -3.88 7.50
CA LYS B 147 46.70 -4.53 6.34
C LYS B 147 47.68 -3.59 5.65
N ASN B 148 47.19 -2.49 5.04
CA ASN B 148 47.89 -1.74 4.00
C ASN B 148 49.26 -1.21 4.33
N ILE B 149 49.53 -0.96 5.61
CA ILE B 149 50.85 -0.46 5.98
C ILE B 149 51.75 -1.62 6.36
N SER B 150 51.36 -2.38 7.37
CA SER B 150 52.18 -3.51 7.81
C SER B 150 52.63 -4.34 6.62
N GLU B 151 51.77 -4.53 5.64
CA GLU B 151 52.16 -5.30 4.48
C GLU B 151 53.29 -4.63 3.73
N ILE B 152 53.19 -3.33 3.51
CA ILE B 152 54.23 -2.62 2.79
C ILE B 152 55.54 -2.53 3.56
N ALA B 153 55.47 -2.16 4.83
CA ALA B 153 56.68 -2.05 5.62
C ALA B 153 57.39 -3.39 5.67
N ASN B 154 56.63 -4.48 5.59
CA ASN B 154 57.24 -5.80 5.59
C ASN B 154 57.91 -6.04 4.25
N PHE B 155 57.24 -5.65 3.16
CA PHE B 155 57.77 -5.78 1.79
C PHE B 155 59.06 -4.99 1.65
N MET B 156 59.23 -4.01 2.52
CA MET B 156 60.41 -3.15 2.54
C MET B 156 61.21 -3.35 3.83
N LEU B 157 61.17 -4.54 4.40
CA LEU B 157 61.89 -4.77 5.64
C LEU B 157 63.40 -4.74 5.46
N SER B 158 63.85 -4.77 4.21
CA SER B 158 65.28 -4.75 3.95
C SER B 158 65.77 -3.44 3.35
N GLU B 159 64.91 -2.42 3.39
CA GLU B 159 65.25 -1.10 2.86
C GLU B 159 65.54 -0.21 4.06
N SER B 160 66.15 0.95 3.83
CA SER B 160 66.46 1.86 4.92
C SER B 160 65.59 3.11 4.87
N HIS B 161 64.35 2.93 4.43
CA HIS B 161 63.39 4.02 4.33
C HIS B 161 61.99 3.44 4.15
N PHE B 162 60.98 4.24 4.50
CA PHE B 162 59.60 3.83 4.40
C PHE B 162 58.81 5.02 3.82
N PRO B 163 58.84 5.21 2.49
CA PRO B 163 58.14 6.30 1.80
C PRO B 163 56.63 6.11 1.76
N TYR B 164 56.03 5.75 2.90
CA TYR B 164 54.60 5.53 2.95
C TYR B 164 53.95 6.85 3.31
N VAL B 165 53.05 7.33 2.48
CA VAL B 165 52.39 8.59 2.76
C VAL B 165 50.88 8.43 2.83
N LEU B 166 50.28 8.97 3.89
CA LEU B 166 48.84 8.87 4.09
C LEU B 166 48.27 10.29 4.13
N PHE B 167 47.19 10.53 3.40
CA PHE B 167 46.56 11.86 3.37
C PHE B 167 45.17 11.75 4.00
N LEU B 168 45.02 12.25 5.22
CA LEU B 168 43.74 12.22 5.91
C LEU B 168 42.91 13.45 5.58
N GLU B 169 41.61 13.24 5.38
CA GLU B 169 40.72 14.33 5.01
C GLU B 169 39.31 14.05 5.54
N GLY B 170 38.79 14.93 6.38
CA GLY B 170 37.45 14.73 6.91
C GLY B 170 37.13 15.45 8.20
N SER B 171 35.86 15.38 8.60
CA SER B 171 35.39 16.01 9.82
C SER B 171 35.63 15.09 11.02
N ASN B 172 36.75 14.39 10.98
CA ASN B 172 37.15 13.47 12.04
C ASN B 172 38.63 13.69 12.32
N PHE B 173 39.31 14.27 11.34
CA PHE B 173 40.75 14.53 11.43
C PHE B 173 41.08 16.02 11.55
N LEU B 174 40.49 16.67 12.55
CA LEU B 174 40.72 18.08 12.78
C LEU B 174 41.84 18.28 13.78
N THR B 175 42.80 19.14 13.44
CA THR B 175 43.94 19.42 14.29
C THR B 175 43.64 20.61 15.20
N GLU B 176 43.06 21.62 14.58
CA GLU B 176 42.68 22.85 15.25
C GLU B 176 41.17 22.85 15.30
N ASN B 177 40.59 23.79 16.04
CA ASN B 177 39.14 23.88 16.13
C ASN B 177 38.69 24.83 15.01
N ILE B 178 37.47 24.58 14.52
CA ILE B 178 36.87 25.41 13.47
C ILE B 178 35.36 25.45 13.73
N SER B 179 34.74 26.56 13.38
CA SER B 179 33.30 26.71 13.56
C SER B 179 32.69 26.98 12.19
N ILE B 180 31.69 26.20 11.84
CA ILE B 180 31.03 26.36 10.56
C ILE B 180 29.60 26.85 10.70
N THR B 181 29.26 27.84 9.87
CA THR B 181 27.92 28.39 9.82
C THR B 181 27.00 27.31 9.23
N ARG B 182 25.69 27.47 9.39
CA ARG B 182 24.75 26.48 8.87
C ARG B 182 23.73 27.11 7.92
N PRO B 183 22.85 26.28 7.31
CA PRO B 183 21.84 26.83 6.38
C PRO B 183 21.06 27.92 7.09
N ASP B 184 20.46 27.54 8.22
CA ASP B 184 19.63 28.46 9.03
C ASP B 184 20.41 29.03 10.23
N GLY B 185 21.27 29.98 9.87
CA GLY B 185 22.07 30.86 10.77
C GLY B 185 23.12 30.18 11.68
N ARG B 186 22.72 29.13 12.37
CA ARG B 186 23.59 28.47 13.38
C ARG B 186 25.03 28.30 12.86
N VAL B 187 25.99 28.67 13.72
CA VAL B 187 27.43 28.60 13.39
C VAL B 187 28.17 27.50 14.17
N VAL B 188 27.72 26.28 13.96
CA VAL B 188 28.30 25.09 14.63
C VAL B 188 29.78 25.29 14.96
N ASN B 189 30.07 25.20 16.24
CA ASN B 189 31.45 25.33 16.70
C ASN B 189 32.01 23.96 17.08
N LEU B 190 32.75 23.38 16.14
CA LEU B 190 33.33 22.06 16.30
C LEU B 190 34.71 22.09 16.95
N GLU B 191 34.79 21.55 18.17
CA GLU B 191 36.04 21.49 18.92
C GLU B 191 36.85 20.28 18.40
N TYR B 192 38.02 20.53 17.81
CA TYR B 192 38.83 19.46 17.25
C TYR B 192 38.98 18.25 18.18
N ASN B 193 39.27 18.51 19.45
CA ASN B 193 39.46 17.41 20.39
C ASN B 193 38.20 16.85 21.05
N SER B 194 37.08 16.91 20.34
CA SER B 194 35.86 16.35 20.88
C SER B 194 35.97 14.86 20.65
N GLY B 195 35.70 14.10 21.69
CA GLY B 195 35.78 12.65 21.57
C GLY B 195 34.92 12.10 20.45
N ILE B 196 33.67 12.53 20.42
CA ILE B 196 32.74 12.07 19.43
C ILE B 196 33.22 12.37 18.00
N LEU B 197 34.08 13.36 17.81
CA LEU B 197 34.48 13.67 16.44
C LEU B 197 35.94 13.55 15.99
N ASN B 198 36.85 13.18 16.87
CA ASN B 198 38.24 13.06 16.44
C ASN B 198 38.73 11.63 16.32
N ARG B 199 39.09 11.24 15.11
CA ARG B 199 39.58 9.89 14.83
C ARG B 199 41.04 9.88 14.43
N LEU B 200 41.72 11.02 14.51
CA LEU B 200 43.13 11.10 14.14
C LEU B 200 44.05 10.20 15.00
N ASP B 201 43.68 10.02 16.26
CA ASP B 201 44.44 9.22 17.23
C ASP B 201 44.55 7.72 16.97
N ARG B 202 43.73 7.19 16.07
CA ARG B 202 43.75 5.76 15.76
C ARG B 202 44.85 5.46 14.75
N LEU B 203 45.28 6.50 14.02
CA LEU B 203 46.33 6.39 13.02
C LEU B 203 47.72 6.62 13.57
N THR B 204 47.82 7.42 14.63
CA THR B 204 49.10 7.77 15.21
C THR B 204 50.08 6.64 15.50
N ALA B 205 49.61 5.49 15.99
CA ALA B 205 50.55 4.41 16.27
C ALA B 205 51.37 4.05 15.04
N ALA B 206 50.91 4.48 13.87
CA ALA B 206 51.61 4.19 12.64
C ALA B 206 52.87 5.02 12.46
N ASN B 207 53.21 5.88 13.42
CA ASN B 207 54.45 6.67 13.27
C ASN B 207 55.24 6.84 14.56
N TYR B 208 54.83 6.10 15.59
CA TYR B 208 55.50 6.11 16.88
C TYR B 208 55.31 7.41 17.65
N GLY B 209 54.15 8.04 17.46
CA GLY B 209 53.88 9.29 18.15
C GLY B 209 54.60 10.49 17.56
N MET B 210 55.31 10.28 16.46
CA MET B 210 56.09 11.34 15.81
C MET B 210 55.22 12.42 15.17
N PRO B 211 55.84 13.54 14.77
CA PRO B 211 55.15 14.66 14.13
C PRO B 211 54.23 14.40 12.95
N ILE B 212 52.97 14.77 13.12
CA ILE B 212 51.97 14.66 12.06
C ILE B 212 52.40 15.66 11.02
N ASN B 213 52.11 15.39 9.77
CA ASN B 213 52.47 16.30 8.66
C ASN B 213 53.95 16.59 8.61
N SER B 214 54.74 15.56 8.36
CA SER B 214 56.17 15.73 8.29
C SER B 214 56.73 14.61 7.42
N ASN B 215 57.72 14.92 6.60
CA ASN B 215 58.30 13.91 5.72
C ASN B 215 59.16 12.88 6.45
N LEU B 216 58.54 11.92 7.11
CA LEU B 216 59.30 10.91 7.83
C LEU B 216 59.70 9.75 6.89
N CYS B 217 60.36 10.08 5.78
CA CYS B 217 60.76 9.04 4.85
C CYS B 217 61.95 8.24 5.30
N ILE B 218 62.89 8.88 5.99
CA ILE B 218 64.10 8.18 6.43
C ILE B 218 63.97 7.42 7.75
N ASN B 219 64.28 6.13 7.73
CA ASN B 219 64.21 5.25 8.91
C ASN B 219 65.10 5.71 10.07
N LYS B 220 64.49 5.88 11.24
CA LYS B 220 65.19 6.32 12.45
C LYS B 220 65.53 5.10 13.29
N PHE B 221 66.82 4.79 13.39
CA PHE B 221 67.29 3.63 14.16
C PHE B 221 67.39 3.87 15.66
N VAL B 222 66.41 3.38 16.41
CA VAL B 222 66.45 3.51 17.86
C VAL B 222 67.30 2.35 18.34
N ASN B 223 67.73 2.40 19.58
CA ASN B 223 68.57 1.35 20.09
C ASN B 223 68.27 1.19 21.58
N HIS B 224 67.86 0.01 21.95
CA HIS B 224 67.55 -0.27 23.36
C HIS B 224 68.33 -1.49 23.82
N LYS B 225 69.13 -1.24 24.82
CA LYS B 225 69.97 -2.26 25.47
C LYS B 225 70.93 -2.94 24.49
N ASP B 226 71.75 -2.14 23.84
CA ASP B 226 72.79 -2.63 22.92
C ASP B 226 72.24 -3.06 21.62
N LYS B 227 71.06 -2.62 21.39
CA LYS B 227 70.40 -2.99 20.18
C LYS B 227 69.81 -1.77 19.50
N SER B 228 70.11 -1.76 18.22
CA SER B 228 69.63 -0.73 17.31
C SER B 228 68.53 -1.33 16.44
N ILE B 229 67.32 -1.28 16.97
CA ILE B 229 66.12 -1.77 16.27
C ILE B 229 65.58 -0.65 15.39
N MET B 230 65.19 -1.02 14.20
CA MET B 230 64.77 -0.07 13.17
C MET B 230 63.30 0.24 13.18
N LEU B 231 62.97 1.52 13.19
CA LEU B 231 61.59 1.97 13.16
C LEU B 231 61.21 2.39 11.74
N GLN B 232 59.99 2.07 11.34
CA GLN B 232 59.49 2.43 10.03
C GLN B 232 58.22 3.18 10.32
N ALA B 233 58.20 4.47 10.01
CA ALA B 233 57.02 5.28 10.28
C ALA B 233 56.37 5.82 9.02
N ALA B 234 55.05 5.80 9.02
CA ALA B 234 54.32 6.28 7.88
C ALA B 234 54.09 7.78 8.08
N SER B 235 54.50 8.60 7.12
CA SER B 235 54.31 10.05 7.19
C SER B 235 52.84 10.40 7.07
N ILE B 236 52.16 10.58 8.20
CA ILE B 236 50.74 10.90 8.21
C ILE B 236 50.46 12.38 8.05
N TYR B 237 49.81 12.78 6.96
CA TYR B 237 49.48 14.18 6.70
C TYR B 237 47.98 14.42 6.93
N THR B 238 47.56 15.65 7.23
CA THR B 238 46.14 15.94 7.49
C THR B 238 45.84 17.41 7.35
N GLN B 239 44.69 17.73 6.75
CA GLN B 239 44.26 19.12 6.62
C GLN B 239 43.22 19.32 7.72
N GLY B 240 43.74 19.48 8.94
CA GLY B 240 42.90 19.62 10.12
C GLY B 240 42.06 20.87 10.32
N ASP B 241 41.74 21.56 9.23
CA ASP B 241 40.91 22.76 9.29
C ASP B 241 39.55 22.36 8.73
N GLY B 242 39.48 21.16 8.17
CA GLY B 242 38.24 20.70 7.58
C GLY B 242 38.28 20.82 6.07
N ARG B 243 38.97 21.84 5.55
CA ARG B 243 39.10 22.04 4.11
C ARG B 243 39.80 20.83 3.44
N GLU B 244 39.33 20.44 2.25
CA GLU B 244 39.88 19.30 1.51
C GLU B 244 41.24 19.56 0.86
N TRP B 245 41.90 18.47 0.51
CA TRP B 245 43.24 18.52 -0.07
C TRP B 245 43.44 19.19 -1.41
N ASP B 246 44.35 20.15 -1.41
CA ASP B 246 44.71 20.91 -2.60
C ASP B 246 45.72 20.10 -3.41
N SER B 247 45.24 19.49 -4.48
CA SER B 247 46.06 18.66 -5.34
C SER B 247 47.45 19.21 -5.68
N LYS B 248 47.55 20.49 -6.02
CA LYS B 248 48.84 21.10 -6.33
C LYS B 248 49.87 20.77 -5.24
N ILE B 249 49.44 20.82 -3.99
CA ILE B 249 50.30 20.55 -2.85
C ILE B 249 50.55 19.06 -2.66
N MET B 250 49.51 18.26 -2.92
CA MET B 250 49.64 16.82 -2.80
C MET B 250 50.77 16.32 -3.71
N PHE B 251 51.11 17.13 -4.72
CA PHE B 251 52.18 16.83 -5.67
C PHE B 251 53.54 17.01 -5.01
N GLU B 252 53.84 18.20 -4.49
CA GLU B 252 55.14 18.42 -3.86
C GLU B 252 55.37 17.48 -2.70
N ILE B 253 54.33 17.30 -1.88
CA ILE B 253 54.44 16.43 -0.72
C ILE B 253 55.00 15.11 -1.15
N MET B 254 54.25 14.44 -2.02
CA MET B 254 54.67 13.15 -2.52
C MET B 254 56.05 13.25 -3.17
N PHE B 255 56.32 14.38 -3.83
CA PHE B 255 57.61 14.60 -4.49
C PHE B 255 58.74 14.77 -3.45
N ASP B 256 58.42 15.24 -2.25
CA ASP B 256 59.45 15.37 -1.22
C ASP B 256 59.77 13.97 -0.74
N ILE B 257 58.74 13.18 -0.46
CA ILE B 257 58.95 11.82 -0.02
C ILE B 257 59.81 11.14 -1.09
N SER B 258 59.34 11.17 -2.33
CA SER B 258 60.06 10.57 -3.45
C SER B 258 61.54 10.91 -3.43
N THR B 259 61.86 12.19 -3.54
CA THR B 259 63.25 12.60 -3.56
C THR B 259 64.07 11.96 -2.45
N THR B 260 63.56 12.00 -1.21
CA THR B 260 64.30 11.42 -0.09
C THR B 260 64.48 9.90 -0.26
N SER B 261 63.58 9.28 -1.01
CA SER B 261 63.70 7.86 -1.27
C SER B 261 64.91 7.68 -2.19
N LEU B 262 65.10 8.59 -3.14
CA LEU B 262 66.24 8.49 -4.03
C LEU B 262 67.49 8.92 -3.31
N ARG B 263 67.31 9.71 -2.27
CA ARG B 263 68.43 10.20 -1.47
C ARG B 263 69.05 9.03 -0.74
N VAL B 264 68.22 8.11 -0.27
CA VAL B 264 68.70 6.94 0.45
C VAL B 264 69.16 5.83 -0.46
N LEU B 265 68.52 5.71 -1.62
CA LEU B 265 68.85 4.68 -2.61
C LEU B 265 70.04 5.12 -3.47
N GLY B 266 70.68 6.22 -3.04
CA GLY B 266 71.81 6.78 -3.76
C GLY B 266 72.92 5.80 -4.08
N ARG B 267 73.49 5.17 -3.06
CA ARG B 267 74.57 4.23 -3.30
C ARG B 267 74.24 3.08 -4.25
N ASP B 268 72.98 2.64 -4.25
CA ASP B 268 72.60 1.56 -5.14
C ASP B 268 72.17 2.04 -6.50
N LEU B 269 72.32 3.33 -6.74
CA LEU B 269 71.97 3.90 -8.03
C LEU B 269 73.19 4.51 -8.72
N PHE B 270 74.21 4.85 -7.91
CA PHE B 270 75.45 5.49 -8.34
C PHE B 270 75.87 5.45 -9.81
N GLU B 271 76.38 4.32 -10.27
CA GLU B 271 76.82 4.27 -11.66
C GLU B 271 75.77 4.50 -12.73
N GLN B 272 74.52 4.15 -12.48
CA GLN B 272 73.48 4.39 -13.47
C GLN B 272 73.36 5.91 -13.64
N LEU B 273 73.84 6.63 -12.64
CA LEU B 273 73.85 8.09 -12.65
C LEU B 273 75.16 8.54 -13.28
N THR B 274 76.18 7.72 -13.14
CA THR B 274 77.49 8.04 -13.70
C THR B 274 77.65 7.54 -15.14
N SER B 275 76.71 7.93 -16.00
CA SER B 275 76.77 7.53 -17.40
C SER B 275 77.81 8.42 -18.13
N LYS B 276 78.26 9.46 -17.42
CA LYS B 276 79.26 10.43 -17.87
C LYS B 276 79.84 11.19 -16.66
N SER C 16 -5.26 -61.81 38.39
CA SER C 16 -6.34 -61.55 37.44
C SER C 16 -6.46 -60.11 36.88
N GLN C 17 -5.96 -59.12 37.58
CA GLN C 17 -6.01 -57.72 37.08
C GLN C 17 -4.96 -57.56 35.96
N GLY C 18 -5.17 -58.27 34.83
CA GLY C 18 -4.16 -58.37 33.72
C GLY C 18 -4.46 -57.53 32.44
N VAL C 19 -5.13 -58.18 31.50
CA VAL C 19 -5.46 -57.59 30.17
C VAL C 19 -6.09 -56.20 30.30
N ILE C 20 -7.10 -56.07 31.15
CA ILE C 20 -7.79 -54.78 31.34
C ILE C 20 -6.86 -53.79 32.01
N GLY C 21 -5.77 -54.31 32.47
CA GLY C 21 -4.75 -53.50 33.13
C GLY C 21 -3.83 -52.91 32.05
N ILE C 22 -3.26 -53.81 31.27
CA ILE C 22 -2.28 -53.45 30.25
C ILE C 22 -2.86 -52.54 29.17
N PHE C 23 -4.16 -52.71 28.90
CA PHE C 23 -4.83 -51.88 27.92
C PHE C 23 -4.95 -50.45 28.46
N GLY C 24 -5.51 -50.33 29.67
CA GLY C 24 -5.67 -49.04 30.30
C GLY C 24 -4.37 -48.26 30.35
N ASP C 25 -3.27 -48.95 30.65
CA ASP C 25 -1.95 -48.32 30.71
C ASP C 25 -1.57 -47.78 29.32
N TYR C 26 -1.70 -48.63 28.31
CA TYR C 26 -1.38 -48.29 26.92
C TYR C 26 -2.19 -47.09 26.43
N ALA C 27 -3.40 -46.94 26.94
CA ALA C 27 -4.26 -45.82 26.56
C ALA C 27 -3.60 -44.51 26.97
N LYS C 28 -3.24 -44.45 28.26
CA LYS C 28 -2.60 -43.29 28.85
C LYS C 28 -1.19 -43.06 28.31
N ALA C 29 -0.42 -44.14 28.21
CA ALA C 29 0.95 -44.10 27.71
C ALA C 29 1.06 -43.63 26.24
N HIS C 30 -0.06 -43.21 25.64
CA HIS C 30 -0.07 -42.72 24.26
C HIS C 30 -1.09 -41.61 24.16
N ASP C 31 -1.70 -41.29 25.30
CA ASP C 31 -2.74 -40.26 25.38
C ASP C 31 -3.70 -40.55 24.23
N LEU C 32 -4.28 -41.74 24.27
CA LEU C 32 -5.21 -42.20 23.25
C LEU C 32 -6.45 -41.33 23.06
N ALA C 33 -6.76 -41.05 21.80
CA ALA C 33 -7.91 -40.25 21.44
C ALA C 33 -9.21 -40.94 21.89
N VAL C 34 -10.26 -40.15 22.13
CA VAL C 34 -11.55 -40.69 22.56
C VAL C 34 -12.06 -41.71 21.56
N GLY C 35 -11.77 -41.48 20.28
CA GLY C 35 -12.18 -42.43 19.26
C GLY C 35 -11.29 -43.65 19.35
N GLU C 36 -10.00 -43.42 19.54
CA GLU C 36 -9.04 -44.50 19.64
C GLU C 36 -9.28 -45.41 20.85
N VAL C 37 -9.76 -44.84 21.94
CA VAL C 37 -10.03 -45.61 23.14
C VAL C 37 -11.11 -46.65 22.90
N SER C 38 -12.19 -46.25 22.23
CA SER C 38 -13.29 -47.15 21.92
C SER C 38 -12.87 -48.41 21.17
N LYS C 39 -11.85 -48.29 20.32
CA LYS C 39 -11.33 -49.44 19.58
C LYS C 39 -10.72 -50.39 20.62
N LEU C 40 -9.88 -49.85 21.49
CA LEU C 40 -9.22 -50.65 22.53
C LEU C 40 -10.31 -51.29 23.36
N VAL C 41 -11.37 -50.51 23.62
CA VAL C 41 -12.50 -50.98 24.41
C VAL C 41 -13.16 -52.19 23.75
N LYS C 42 -13.22 -52.21 22.42
CA LYS C 42 -13.79 -53.36 21.73
C LYS C 42 -12.78 -54.50 21.90
N LYS C 43 -11.50 -54.16 21.71
CA LYS C 43 -10.40 -55.11 21.84
C LYS C 43 -10.53 -55.89 23.15
N ALA C 44 -10.84 -55.16 24.23
CA ALA C 44 -11.01 -55.74 25.56
C ALA C 44 -12.39 -56.38 25.71
N LEU C 45 -13.43 -55.69 25.27
CA LEU C 45 -14.79 -56.19 25.34
C LEU C 45 -14.84 -57.58 24.78
N SER C 46 -14.06 -57.82 23.72
CA SER C 46 -13.99 -59.12 23.05
C SER C 46 -13.21 -60.12 23.92
N ASN C 47 -11.96 -59.77 24.17
CA ASN C 47 -11.04 -60.55 24.97
C ASN C 47 -11.67 -61.10 26.28
N GLU C 48 -12.57 -60.31 26.88
CA GLU C 48 -13.26 -60.63 28.12
C GLU C 48 -14.46 -61.61 27.97
N TYR C 49 -15.25 -61.45 26.91
CA TYR C 49 -16.39 -62.33 26.64
C TYR C 49 -16.16 -62.83 25.21
N PRO C 50 -15.18 -63.72 25.02
CA PRO C 50 -14.84 -64.27 23.71
C PRO C 50 -15.72 -65.40 23.22
N GLN C 51 -17.01 -65.16 23.21
CA GLN C 51 -17.96 -66.14 22.72
C GLN C 51 -18.78 -65.39 21.69
N LEU C 52 -18.86 -64.09 21.94
CA LEU C 52 -19.61 -63.15 21.13
C LEU C 52 -18.70 -62.52 20.09
N SER C 53 -19.31 -61.90 19.09
CA SER C 53 -18.55 -61.22 18.06
C SER C 53 -18.79 -59.71 18.21
N PHE C 54 -17.72 -58.98 18.49
CA PHE C 54 -17.78 -57.55 18.70
C PHE C 54 -17.28 -56.86 17.44
N ARG C 55 -17.83 -55.68 17.18
CA ARG C 55 -17.47 -54.90 16.01
C ARG C 55 -17.51 -53.41 16.31
N TYR C 56 -16.48 -52.70 15.89
CA TYR C 56 -16.39 -51.26 16.08
C TYR C 56 -16.62 -50.61 14.72
N ARG C 57 -17.52 -49.63 14.67
CA ARG C 57 -17.76 -48.91 13.44
C ARG C 57 -17.80 -47.45 13.80
N ASP C 58 -17.86 -46.56 12.82
CA ASP C 58 -17.84 -45.15 13.16
C ASP C 58 -18.88 -44.20 12.55
N SER C 59 -19.97 -44.73 12.04
CA SER C 59 -21.00 -43.89 11.48
C SER C 59 -22.23 -44.73 11.34
N ILE C 60 -23.40 -44.10 11.43
CA ILE C 60 -24.65 -44.82 11.25
C ILE C 60 -25.30 -44.11 10.09
N LYS C 61 -25.60 -44.83 9.02
CA LYS C 61 -26.23 -44.20 7.87
C LYS C 61 -27.65 -43.81 8.27
N LYS C 62 -27.99 -42.54 8.08
CA LYS C 62 -29.31 -41.98 8.40
C LYS C 62 -30.43 -42.95 8.06
N THR C 63 -30.16 -43.82 7.11
CA THR C 63 -31.12 -44.83 6.69
C THR C 63 -31.43 -45.74 7.89
N GLU C 64 -30.39 -46.41 8.39
CA GLU C 64 -30.49 -47.34 9.50
C GLU C 64 -31.47 -46.89 10.58
N ILE C 65 -31.36 -45.63 10.96
CA ILE C 65 -32.22 -45.07 11.99
C ILE C 65 -33.66 -45.27 11.57
N ASN C 66 -33.97 -44.87 10.34
CA ASN C 66 -35.32 -45.00 9.81
C ASN C 66 -35.77 -46.45 9.76
N GLU C 67 -34.94 -47.30 9.17
CA GLU C 67 -35.25 -48.73 9.08
C GLU C 67 -35.62 -49.19 10.50
N ALA C 68 -34.80 -48.79 11.47
CA ALA C 68 -35.01 -49.14 12.87
C ALA C 68 -36.32 -48.56 13.38
N LEU C 69 -36.62 -47.32 13.00
CA LEU C 69 -37.85 -46.68 13.44
C LEU C 69 -39.15 -47.25 12.86
N LYS C 70 -39.13 -47.64 11.59
CA LYS C 70 -40.32 -48.21 10.99
C LYS C 70 -40.61 -49.49 11.76
N LYS C 71 -39.55 -50.21 12.07
CA LYS C 71 -39.65 -51.48 12.79
C LYS C 71 -40.41 -51.32 14.09
N ILE C 72 -40.29 -50.13 14.70
CA ILE C 72 -41.00 -49.83 15.94
C ILE C 72 -42.41 -49.43 15.56
N ASP C 73 -42.51 -48.49 14.63
CA ASP C 73 -43.82 -48.02 14.19
C ASP C 73 -43.73 -47.55 12.75
N PRO C 74 -44.69 -47.97 11.92
CA PRO C 74 -44.76 -47.63 10.51
C PRO C 74 -44.83 -46.13 10.29
N ASP C 75 -45.58 -45.45 11.14
CA ASP C 75 -45.72 -44.01 11.01
C ASP C 75 -44.48 -43.20 11.36
N LEU C 76 -43.46 -43.88 11.91
CA LEU C 76 -42.22 -43.23 12.30
C LEU C 76 -41.13 -43.47 11.25
N GLY C 77 -40.08 -42.68 11.31
CA GLY C 77 -38.97 -42.82 10.39
C GLY C 77 -39.31 -42.97 8.93
N GLY C 78 -39.80 -41.89 8.33
CA GLY C 78 -40.16 -41.94 6.93
C GLY C 78 -39.72 -40.69 6.19
N THR C 79 -38.51 -40.21 6.48
CA THR C 79 -38.00 -39.02 5.83
C THR C 79 -36.50 -39.07 5.70
N LEU C 80 -36.03 -38.90 4.47
CA LEU C 80 -34.59 -38.86 4.19
C LEU C 80 -34.44 -37.92 2.99
N PHE C 81 -33.80 -36.78 3.20
CA PHE C 81 -33.63 -35.82 2.12
C PHE C 81 -32.29 -35.89 1.41
N VAL C 82 -31.22 -36.24 2.12
CA VAL C 82 -29.90 -36.32 1.50
C VAL C 82 -29.29 -37.70 1.73
N SER C 83 -29.78 -38.69 1.00
CA SER C 83 -29.35 -40.10 1.10
C SER C 83 -28.11 -40.49 1.92
N ASN C 84 -26.96 -39.91 1.62
CA ASN C 84 -25.76 -40.26 2.36
C ASN C 84 -25.66 -39.67 3.77
N SER C 85 -26.76 -39.11 4.27
CA SER C 85 -26.77 -38.52 5.61
C SER C 85 -26.45 -39.57 6.69
N SER C 86 -25.66 -39.20 7.68
CA SER C 86 -25.26 -40.13 8.74
C SER C 86 -24.92 -39.44 10.07
N ILE C 87 -24.96 -40.21 11.16
CA ILE C 87 -24.65 -39.70 12.48
C ILE C 87 -23.25 -40.21 12.70
N LYS C 88 -22.31 -39.33 12.99
CA LYS C 88 -20.95 -39.76 13.20
C LYS C 88 -20.43 -39.31 14.58
N PRO C 89 -20.61 -40.16 15.60
CA PRO C 89 -20.16 -39.86 16.96
C PRO C 89 -18.65 -39.93 17.07
N ASP C 90 -18.06 -38.84 17.55
CA ASP C 90 -16.62 -38.70 17.74
C ASP C 90 -15.87 -39.98 18.00
N GLY C 91 -16.27 -40.65 19.08
CA GLY C 91 -15.61 -41.87 19.48
C GLY C 91 -16.18 -43.20 19.03
N GLY C 92 -16.63 -43.25 17.79
CA GLY C 92 -17.15 -44.49 17.24
C GLY C 92 -18.24 -45.21 18.01
N ILE C 93 -18.51 -46.46 17.63
CA ILE C 93 -19.53 -47.28 18.26
C ILE C 93 -19.05 -48.72 18.40
N VAL C 94 -19.43 -49.39 19.48
CA VAL C 94 -19.05 -50.78 19.67
C VAL C 94 -20.37 -51.56 19.76
N GLU C 95 -20.48 -52.66 19.02
CA GLU C 95 -21.71 -53.45 19.01
C GLU C 95 -21.45 -54.94 19.21
N VAL C 96 -22.42 -55.65 19.81
CA VAL C 96 -22.31 -57.10 20.02
C VAL C 96 -23.25 -57.75 19.03
N LYS C 97 -23.08 -59.02 18.77
CA LYS C 97 -23.97 -59.71 17.85
C LYS C 97 -24.88 -60.59 18.71
N ASP C 98 -26.16 -60.26 18.76
CA ASP C 98 -27.11 -61.03 19.55
C ASP C 98 -27.45 -62.40 18.98
N ASP C 99 -28.02 -63.26 19.82
CA ASP C 99 -28.42 -64.61 19.45
C ASP C 99 -29.17 -64.70 18.15
N TYR C 100 -29.85 -63.61 17.78
CA TYR C 100 -30.63 -63.57 16.57
C TYR C 100 -29.92 -62.98 15.34
N GLY C 101 -28.59 -62.92 15.39
CA GLY C 101 -27.81 -62.41 14.28
C GLY C 101 -27.80 -60.92 13.95
N GLU C 102 -28.43 -60.11 14.79
CA GLU C 102 -28.45 -58.66 14.59
C GLU C 102 -27.32 -58.08 15.40
N TRP C 103 -27.09 -56.79 15.25
CA TRP C 103 -26.04 -56.14 16.03
C TRP C 103 -26.70 -55.20 17.00
N ARG C 104 -26.27 -55.26 18.27
CA ARG C 104 -26.80 -54.42 19.32
C ARG C 104 -25.73 -53.44 19.76
N VAL C 105 -26.17 -52.23 20.09
CA VAL C 105 -25.29 -51.14 20.51
C VAL C 105 -24.79 -51.36 21.94
N VAL C 106 -23.49 -51.19 22.14
CA VAL C 106 -22.87 -51.39 23.44
C VAL C 106 -22.19 -50.11 23.99
N LEU C 107 -21.60 -49.32 23.10
CA LEU C 107 -20.91 -48.11 23.52
C LEU C 107 -20.84 -47.06 22.41
N VAL C 108 -21.28 -45.84 22.70
CA VAL C 108 -21.22 -44.72 21.75
C VAL C 108 -20.58 -43.59 22.57
N ALA C 109 -19.31 -43.31 22.30
CA ALA C 109 -18.64 -42.29 23.06
C ALA C 109 -18.43 -41.04 22.25
N GLU C 110 -18.42 -39.91 22.94
CA GLU C 110 -18.21 -38.61 22.31
C GLU C 110 -17.59 -37.69 23.37
N ALA C 111 -16.65 -36.85 22.94
CA ALA C 111 -15.98 -35.92 23.85
C ALA C 111 -15.85 -34.50 23.29
N LYS C 112 -16.23 -33.52 24.09
CA LYS C 112 -16.18 -32.12 23.69
C LYS C 112 -15.11 -31.35 24.44
N HIS C 113 -14.57 -30.31 23.80
CA HIS C 113 -13.50 -29.50 24.37
C HIS C 113 -13.75 -27.99 24.46
N GLN C 114 -15.01 -27.58 24.55
CA GLN C 114 -15.33 -26.16 24.67
C GLN C 114 -14.62 -25.56 25.89
N GLY C 115 -13.73 -24.59 25.67
CA GLY C 115 -13.00 -23.95 26.76
C GLY C 115 -11.88 -23.08 26.17
N LYS C 116 -10.65 -23.35 26.63
CA LYS C 116 -9.42 -22.68 26.14
C LYS C 116 -9.24 -21.27 26.71
N ASP C 117 -9.30 -21.19 28.03
CA ASP C 117 -9.15 -19.92 28.75
C ASP C 117 -8.05 -20.02 29.82
N ILE C 118 -7.50 -21.23 29.99
CA ILE C 118 -6.59 -21.50 31.12
C ILE C 118 -5.31 -22.35 30.82
N ILE C 119 -5.35 -23.22 29.83
CA ILE C 119 -4.24 -24.21 29.56
C ILE C 119 -3.02 -23.65 28.72
N ASN C 120 -1.84 -24.07 29.23
CA ASN C 120 -0.41 -23.72 28.81
C ASN C 120 -0.23 -23.11 27.43
N LYS C 129 -12.56 -6.94 23.14
CA LYS C 129 -12.43 -6.83 21.69
C LYS C 129 -11.99 -8.16 21.04
N ARG C 130 -12.75 -8.57 20.01
CA ARG C 130 -12.48 -9.80 19.29
C ARG C 130 -11.23 -9.63 18.42
N GLY C 131 -10.53 -10.74 18.19
CA GLY C 131 -9.33 -10.73 17.37
C GLY C 131 -9.63 -11.43 16.05
N ASP C 132 -8.60 -12.05 15.44
CA ASP C 132 -8.76 -12.79 14.19
C ASP C 132 -9.94 -13.74 14.41
N GLN C 133 -10.07 -14.13 15.68
CA GLN C 133 -11.13 -14.99 16.14
C GLN C 133 -11.86 -14.20 17.21
N ASP C 134 -13.08 -14.61 17.49
CA ASP C 134 -13.94 -13.98 18.50
C ASP C 134 -13.29 -13.71 19.86
N LEU C 135 -14.06 -13.05 20.74
CA LEU C 135 -13.62 -12.76 22.10
C LEU C 135 -13.59 -14.13 22.80
N MET C 136 -12.56 -14.40 23.56
CA MET C 136 -12.46 -15.70 24.25
C MET C 136 -13.06 -15.59 25.67
N ALA C 137 -14.38 -15.88 25.78
CA ALA C 137 -15.10 -15.76 27.09
C ALA C 137 -16.16 -16.87 27.31
N ALA C 138 -17.02 -17.06 26.32
CA ALA C 138 -18.09 -18.08 26.38
C ALA C 138 -18.61 -18.37 24.97
N GLY C 139 -19.14 -19.56 24.82
CA GLY C 139 -19.68 -20.03 23.53
C GLY C 139 -20.78 -21.05 23.79
N ASN C 140 -21.48 -21.40 22.73
CA ASN C 140 -22.60 -22.34 22.83
C ASN C 140 -22.42 -23.53 21.90
N ALA C 141 -21.20 -23.77 21.53
CA ALA C 141 -20.85 -24.85 20.59
C ALA C 141 -21.34 -26.22 21.07
N ILE C 142 -21.50 -26.39 22.38
CA ILE C 142 -21.95 -27.67 22.89
C ILE C 142 -23.44 -27.98 22.66
N GLU C 143 -24.24 -26.94 22.45
CA GLU C 143 -25.67 -27.14 22.21
C GLU C 143 -25.97 -28.05 21.01
N ARG C 144 -24.95 -28.26 20.17
CA ARG C 144 -25.10 -29.09 18.98
C ARG C 144 -25.32 -30.49 19.10
N SER C 145 -25.08 -30.93 20.20
CA SER C 145 -25.32 -32.27 20.38
C SER C 145 -26.83 -32.48 20.13
N HIS C 146 -27.52 -31.52 19.46
CA HIS C 146 -28.97 -31.72 19.13
C HIS C 146 -29.08 -33.01 18.36
N LYS C 147 -28.42 -32.98 17.22
CA LYS C 147 -28.38 -34.11 16.31
C LYS C 147 -27.87 -35.35 17.05
N ASN C 148 -26.59 -35.37 17.47
CA ASN C 148 -25.85 -36.59 17.78
C ASN C 148 -26.43 -37.50 18.83
N ILE C 149 -27.22 -36.96 19.75
CA ILE C 149 -27.81 -37.81 20.78
C ILE C 149 -29.20 -38.26 20.33
N SER C 150 -30.10 -37.31 20.09
CA SER C 150 -31.45 -37.64 19.66
C SER C 150 -31.43 -38.68 18.57
N GLU C 151 -30.48 -38.58 17.65
CA GLU C 151 -30.41 -39.55 16.58
C GLU C 151 -30.11 -40.94 17.10
N ILE C 152 -29.15 -41.05 18.02
CA ILE C 152 -28.79 -42.34 18.59
C ILE C 152 -29.89 -42.92 19.46
N ALA C 153 -30.43 -42.12 20.38
CA ALA C 153 -31.47 -42.61 21.25
C ALA C 153 -32.65 -43.10 20.42
N ASN C 154 -32.87 -42.49 19.26
CA ASN C 154 -33.96 -42.93 18.40
C ASN C 154 -33.60 -44.26 17.78
N PHE C 155 -32.34 -44.39 17.32
CA PHE C 155 -31.84 -45.63 16.71
C PHE C 155 -31.93 -46.78 17.71
N MET C 156 -31.97 -46.43 18.99
CA MET C 156 -32.08 -47.40 20.06
C MET C 156 -33.39 -47.26 20.81
N LEU C 157 -34.45 -46.83 20.12
CA LEU C 157 -35.72 -46.65 20.80
C LEU C 157 -36.35 -47.97 21.23
N SER C 158 -35.82 -49.08 20.74
CA SER C 158 -36.35 -50.38 21.10
C SER C 158 -35.45 -51.17 22.02
N GLU C 159 -34.43 -50.51 22.57
CA GLU C 159 -33.49 -51.15 23.48
C GLU C 159 -33.86 -50.70 24.89
N SER C 160 -33.34 -51.39 25.91
CA SER C 160 -33.64 -50.99 27.28
C SER C 160 -32.43 -50.39 27.96
N HIS C 161 -31.63 -49.65 27.20
CA HIS C 161 -30.43 -48.99 27.71
C HIS C 161 -29.96 -47.95 26.69
N PHE C 162 -29.20 -46.99 27.17
CA PHE C 162 -28.67 -45.92 26.33
C PHE C 162 -27.22 -45.69 26.75
N PRO C 163 -26.29 -46.52 26.25
CA PRO C 163 -24.86 -46.41 26.56
C PRO C 163 -24.18 -45.23 25.89
N TYR C 164 -24.80 -44.06 25.96
CA TYR C 164 -24.25 -42.87 25.33
C TYR C 164 -23.37 -42.19 26.35
N VAL C 165 -22.10 -41.99 26.03
CA VAL C 165 -21.19 -41.35 26.97
C VAL C 165 -20.59 -40.09 26.37
N LEU C 166 -20.64 -38.99 27.13
CA LEU C 166 -20.08 -37.72 26.69
C LEU C 166 -18.99 -37.30 27.65
N PHE C 167 -17.84 -36.88 27.13
CA PHE C 167 -16.72 -36.45 27.96
C PHE C 167 -16.47 -34.97 27.74
N LEU C 168 -16.87 -34.14 28.69
CA LEU C 168 -16.68 -32.69 28.58
C LEU C 168 -15.32 -32.28 29.11
N GLU C 169 -14.66 -31.36 28.43
CA GLU C 169 -13.34 -30.90 28.84
C GLU C 169 -13.12 -29.46 28.40
N GLY C 170 -12.88 -28.57 29.36
CA GLY C 170 -12.64 -27.18 29.02
C GLY C 170 -12.87 -26.17 30.13
N SER C 171 -12.52 -24.92 29.84
CA SER C 171 -12.68 -23.84 30.79
C SER C 171 -14.10 -23.27 30.73
N ASN C 172 -15.06 -24.16 30.51
CA ASN C 172 -16.47 -23.80 30.44
C ASN C 172 -17.25 -24.82 31.24
N PHE C 173 -16.64 -25.98 31.45
CA PHE C 173 -17.27 -27.09 32.17
C PHE C 173 -16.61 -27.34 33.55
N LEU C 174 -16.57 -26.29 34.36
CA LEU C 174 -15.99 -26.39 35.69
C LEU C 174 -17.07 -26.71 36.71
N THR C 175 -16.82 -27.70 37.56
CA THR C 175 -17.77 -28.11 38.59
C THR C 175 -17.49 -27.38 39.88
N GLU C 176 -16.20 -27.33 40.20
CA GLU C 176 -15.70 -26.68 41.39
C GLU C 176 -14.97 -25.43 40.92
N ASN C 177 -14.59 -24.57 41.84
CA ASN C 177 -13.86 -23.36 41.49
C ASN C 177 -12.37 -23.71 41.54
N ILE C 178 -11.58 -23.03 40.70
CA ILE C 178 -10.14 -23.21 40.65
C ILE C 178 -9.53 -21.85 40.31
N SER C 179 -8.32 -21.62 40.82
CA SER C 179 -7.63 -20.36 40.55
C SER C 179 -6.30 -20.70 39.90
N ILE C 180 -6.03 -20.08 38.75
CA ILE C 180 -4.81 -20.33 38.05
C ILE C 180 -3.88 -19.12 38.03
N THR C 181 -2.60 -19.39 38.30
CA THR C 181 -1.58 -18.38 38.29
C THR C 181 -1.37 -17.96 36.81
N ARG C 182 -0.73 -16.82 36.59
CA ARG C 182 -0.51 -16.35 35.23
C ARG C 182 0.97 -16.13 34.93
N PRO C 183 1.31 -15.76 33.67
CA PRO C 183 2.72 -15.53 33.33
C PRO C 183 3.31 -14.53 34.28
N ASP C 184 2.69 -13.35 34.34
CA ASP C 184 3.14 -12.24 35.21
C ASP C 184 2.33 -12.16 36.51
N GLY C 185 2.68 -13.11 37.38
CA GLY C 185 2.25 -13.25 38.80
C GLY C 185 0.73 -13.50 39.06
N ARG C 186 -0.11 -12.73 38.42
CA ARG C 186 -1.58 -12.79 38.66
C ARG C 186 -2.09 -14.24 38.75
N VAL C 187 -2.88 -14.50 39.80
CA VAL C 187 -3.44 -15.86 40.06
C VAL C 187 -4.95 -15.93 39.80
N VAL C 188 -5.33 -15.64 38.57
CA VAL C 188 -6.74 -15.66 38.12
C VAL C 188 -7.57 -16.64 38.94
N ASN C 189 -8.57 -16.11 39.61
CA ASN C 189 -9.49 -16.93 40.40
C ASN C 189 -10.82 -17.10 39.66
N LEU C 190 -10.94 -18.23 38.97
CA LEU C 190 -12.12 -18.54 38.18
C LEU C 190 -13.20 -19.26 38.99
N GLU C 191 -14.32 -18.58 39.19
CA GLU C 191 -15.47 -19.12 39.91
C GLU C 191 -16.26 -20.03 38.95
N TYR C 192 -16.33 -21.33 39.26
CA TYR C 192 -17.03 -22.27 38.38
C TYR C 192 -18.39 -21.77 37.92
N ASN C 193 -19.20 -21.26 38.85
CA ASN C 193 -20.54 -20.78 38.50
C ASN C 193 -20.64 -19.37 37.96
N SER C 194 -19.60 -18.90 37.29
CA SER C 194 -19.66 -17.58 36.70
C SER C 194 -20.46 -17.74 35.42
N GLY C 195 -21.43 -16.87 35.23
CA GLY C 195 -22.25 -16.95 34.04
C GLY C 195 -21.44 -16.91 32.76
N ILE C 196 -20.54 -15.95 32.67
CA ILE C 196 -19.71 -15.79 31.50
C ILE C 196 -18.88 -17.04 31.19
N LEU C 197 -18.62 -17.88 32.18
CA LEU C 197 -17.76 -19.03 31.89
C LEU C 197 -18.28 -20.48 32.05
N ASN C 198 -19.52 -20.65 32.49
CA ASN C 198 -20.02 -22.02 32.63
C ASN C 198 -21.05 -22.41 31.60
N ARG C 199 -20.69 -23.41 30.80
CA ARG C 199 -21.57 -23.92 29.75
C ARG C 199 -22.06 -25.33 30.02
N LEU C 200 -21.77 -25.87 31.20
CA LEU C 200 -22.21 -27.21 31.54
C LEU C 200 -23.73 -27.39 31.55
N ASP C 201 -24.45 -26.35 31.91
CA ASP C 201 -25.92 -26.33 32.00
C ASP C 201 -26.70 -26.51 30.70
N ARG C 202 -26.04 -26.37 29.56
CA ARG C 202 -26.70 -26.52 28.27
C ARG C 202 -26.79 -28.00 27.88
N LEU C 203 -25.94 -28.81 28.50
CA LEU C 203 -25.90 -30.25 28.26
C LEU C 203 -26.80 -31.05 29.19
N THR C 204 -27.05 -30.51 30.38
CA THR C 204 -27.86 -31.20 31.37
C THR C 204 -29.21 -31.77 30.93
N ALA C 205 -29.95 -31.06 30.09
CA ALA C 205 -31.24 -31.58 29.69
C ALA C 205 -31.10 -32.97 29.05
N ALA C 206 -29.88 -33.32 28.67
CA ALA C 206 -29.63 -34.60 28.06
C ALA C 206 -29.66 -35.76 29.06
N ASN C 207 -29.92 -35.49 30.33
CA ASN C 207 -29.98 -36.59 31.30
C ASN C 207 -31.10 -36.45 32.33
N TYR C 208 -31.97 -35.48 32.12
CA TYR C 208 -33.11 -35.24 32.98
C TYR C 208 -32.73 -34.68 34.33
N GLY C 209 -31.65 -33.91 34.37
CA GLY C 209 -31.20 -33.33 35.63
C GLY C 209 -30.49 -34.30 36.56
N MET C 210 -30.28 -35.52 36.07
CA MET C 210 -29.62 -36.57 36.84
C MET C 210 -28.15 -36.30 37.12
N PRO C 211 -27.54 -37.08 38.02
CA PRO C 211 -26.13 -36.96 38.39
C PRO C 211 -25.08 -36.93 37.28
N ILE C 212 -24.33 -35.84 37.24
CA ILE C 212 -23.24 -35.67 36.31
C ILE C 212 -22.20 -36.67 36.75
N ASN C 213 -21.43 -37.20 35.81
CA ASN C 213 -20.38 -38.17 36.11
C ASN C 213 -20.92 -39.40 36.80
N SER C 214 -21.77 -40.15 36.12
CA SER C 214 -22.34 -41.34 36.69
C SER C 214 -22.74 -42.25 35.55
N ASN C 215 -22.54 -43.55 35.71
CA ASN C 215 -22.89 -44.50 34.66
C ASN C 215 -24.39 -44.71 34.48
N LEU C 216 -25.05 -43.78 33.83
CA LEU C 216 -26.49 -43.91 33.62
C LEU C 216 -26.79 -44.76 32.37
N CYS C 217 -26.23 -45.95 32.30
CA CYS C 217 -26.46 -46.79 31.14
C CYS C 217 -27.82 -47.44 31.10
N ILE C 218 -28.35 -47.80 32.27
CA ILE C 218 -29.64 -48.47 32.32
C ILE C 218 -30.86 -47.54 32.33
N ASN C 219 -31.78 -47.75 31.38
CA ASN C 219 -33.01 -46.95 31.24
C ASN C 219 -33.89 -46.99 32.48
N LYS C 220 -34.22 -45.80 32.99
CA LYS C 220 -35.07 -45.65 34.17
C LYS C 220 -36.50 -45.36 33.71
N PHE C 221 -37.40 -46.33 33.94
CA PHE C 221 -38.80 -46.19 33.55
C PHE C 221 -39.66 -45.37 34.51
N VAL C 222 -39.92 -44.12 34.16
CA VAL C 222 -40.77 -43.28 35.00
C VAL C 222 -42.19 -43.62 34.59
N ASN C 223 -43.17 -43.22 35.39
CA ASN C 223 -44.53 -43.55 35.06
C ASN C 223 -45.40 -42.41 35.58
N HIS C 224 -46.13 -41.80 34.67
CA HIS C 224 -47.03 -40.71 35.05
C HIS C 224 -48.44 -40.99 34.55
N LYS C 225 -49.33 -41.05 35.52
CA LYS C 225 -50.76 -41.28 35.29
C LYS C 225 -51.03 -42.62 34.57
N ASP C 226 -50.55 -43.69 35.17
CA ASP C 226 -50.79 -45.06 34.66
C ASP C 226 -49.94 -45.39 33.49
N LYS C 227 -48.95 -44.59 33.34
CA LYS C 227 -48.08 -44.79 32.23
C LYS C 227 -46.65 -44.76 32.67
N SER C 228 -45.97 -45.77 32.16
CA SER C 228 -44.56 -45.98 32.37
C SER C 228 -43.80 -45.60 31.09
N ILE C 229 -43.51 -44.32 31.00
CA ILE C 229 -42.75 -43.77 29.86
C ILE C 229 -41.26 -43.90 30.15
N MET C 230 -40.54 -44.30 29.13
CA MET C 230 -39.11 -44.62 29.25
C MET C 230 -38.19 -43.44 29.02
N LEU C 231 -37.27 -43.23 29.95
CA LEU C 231 -36.29 -42.17 29.83
C LEU C 231 -34.97 -42.74 29.34
N GLN C 232 -34.28 -41.99 28.49
CA GLN C 232 -32.99 -42.39 27.96
C GLN C 232 -32.10 -41.23 28.29
N ALA C 233 -31.12 -41.46 29.16
CA ALA C 233 -30.22 -40.39 29.55
C ALA C 233 -28.79 -40.65 29.15
N ALA C 234 -28.12 -39.59 28.70
CA ALA C 234 -26.75 -39.72 28.28
C ALA C 234 -25.88 -39.47 29.51
N SER C 235 -25.00 -40.41 29.82
CA SER C 235 -24.08 -40.29 30.98
C SER C 235 -23.06 -39.19 30.71
N ILE C 236 -23.33 -37.98 31.18
CA ILE C 236 -22.43 -36.84 30.97
C ILE C 236 -21.31 -36.78 32.00
N TYR C 237 -20.06 -36.94 31.56
CA TYR C 237 -18.90 -36.88 32.45
C TYR C 237 -18.15 -35.55 32.26
N THR C 238 -17.39 -35.09 33.25
CA THR C 238 -16.66 -33.83 33.15
C THR C 238 -15.56 -33.71 34.16
N GLN C 239 -14.41 -33.18 33.74
CA GLN C 239 -13.29 -32.97 34.65
C GLN C 239 -13.34 -31.49 35.02
N GLY C 240 -14.27 -31.17 35.90
CA GLY C 240 -14.51 -29.80 36.33
C GLY C 240 -13.46 -29.07 37.16
N ASP C 241 -12.21 -29.50 37.08
CA ASP C 241 -11.12 -28.84 37.79
C ASP C 241 -10.32 -28.09 36.74
N GLY C 242 -10.64 -28.31 35.48
CA GLY C 242 -9.93 -27.65 34.41
C GLY C 242 -8.93 -28.60 33.76
N ARG C 243 -8.34 -29.50 34.55
CA ARG C 243 -7.37 -30.48 34.05
C ARG C 243 -8.02 -31.40 32.98
N GLU C 244 -7.27 -31.72 31.92
CA GLU C 244 -7.77 -32.55 30.83
C GLU C 244 -7.88 -34.03 31.15
N TRP C 245 -8.65 -34.73 30.33
CA TRP C 245 -8.92 -36.15 30.53
C TRP C 245 -7.79 -37.14 30.47
N ASP C 246 -7.68 -37.92 31.54
CA ASP C 246 -6.65 -38.94 31.67
C ASP C 246 -7.14 -40.20 30.96
N SER C 247 -6.59 -40.44 29.78
CA SER C 247 -6.95 -41.58 28.96
C SER C 247 -7.11 -42.91 29.70
N LYS C 248 -6.19 -43.24 30.59
CA LYS C 248 -6.28 -44.49 31.35
C LYS C 248 -7.68 -44.64 31.97
N ILE C 249 -8.22 -43.53 32.49
CA ILE C 249 -9.53 -43.53 33.12
C ILE C 249 -10.65 -43.56 32.10
N MET C 250 -10.45 -42.86 30.99
CA MET C 250 -11.45 -42.83 29.93
C MET C 250 -11.74 -44.25 29.46
N PHE C 251 -10.80 -45.17 29.72
CA PHE C 251 -10.92 -46.58 29.36
C PHE C 251 -11.91 -47.28 30.27
N GLU C 252 -11.68 -47.25 31.59
CA GLU C 252 -12.60 -47.92 32.52
C GLU C 252 -14.00 -47.36 32.41
N ILE C 253 -14.11 -46.04 32.31
CA ILE C 253 -15.40 -45.39 32.23
C ILE C 253 -16.19 -46.05 31.14
N MET C 254 -15.67 -45.94 29.92
CA MET C 254 -16.33 -46.53 28.77
C MET C 254 -16.55 -48.02 29.00
N PHE C 255 -15.60 -48.68 29.66
CA PHE C 255 -15.71 -50.12 29.95
C PHE C 255 -16.83 -50.40 30.96
N ASP C 256 -17.14 -49.44 31.84
CA ASP C 256 -18.23 -49.65 32.80
C ASP C 256 -19.53 -49.56 32.01
N ILE C 257 -19.65 -48.54 31.17
CA ILE C 257 -20.84 -48.38 30.36
C ILE C 257 -21.00 -49.69 29.58
N SER C 258 -19.97 -50.05 28.82
CA SER C 258 -19.99 -51.29 28.03
C SER C 258 -20.54 -52.47 28.80
N THR C 259 -19.87 -52.84 29.88
CA THR C 259 -20.32 -53.98 30.66
C THR C 259 -21.81 -53.93 30.97
N THR C 260 -22.30 -52.79 31.44
CA THR C 260 -23.73 -52.68 31.77
C THR C 260 -24.61 -52.87 30.52
N SER C 261 -24.06 -52.57 29.36
CA SER C 261 -24.81 -52.76 28.13
C SER C 261 -24.94 -54.27 27.94
N LEU C 262 -23.90 -55.03 28.25
CA LEU C 262 -23.97 -56.48 28.11
C LEU C 262 -24.79 -57.07 29.23
N ARG C 263 -24.89 -56.32 30.32
CA ARG C 263 -25.66 -56.75 31.48
C ARG C 263 -27.13 -56.77 31.10
N VAL C 264 -27.54 -55.78 30.31
CA VAL C 264 -28.94 -55.68 29.90
C VAL C 264 -29.27 -56.54 28.70
N LEU C 265 -28.29 -56.74 27.83
CA LEU C 265 -28.43 -57.55 26.62
C LEU C 265 -28.23 -59.03 26.95
N GLY C 266 -28.17 -59.33 28.24
CA GLY C 266 -27.96 -60.69 28.70
C GLY C 266 -28.89 -61.72 28.13
N ARG C 267 -30.20 -61.55 28.32
CA ARG C 267 -31.15 -62.52 27.81
C ARG C 267 -31.07 -62.77 26.31
N ASP C 268 -30.70 -61.75 25.54
CA ASP C 268 -30.59 -61.93 24.10
C ASP C 268 -29.23 -62.43 23.67
N LEU C 269 -28.38 -62.74 24.64
CA LEU C 269 -27.06 -63.27 24.34
C LEU C 269 -26.88 -64.68 24.91
N PHE C 270 -27.70 -65.01 25.90
CA PHE C 270 -27.68 -66.30 26.61
C PHE C 270 -26.98 -67.50 26.01
N GLU C 271 -27.62 -68.15 25.04
CA GLU C 271 -27.01 -69.33 24.44
C GLU C 271 -25.66 -69.15 23.76
N GLN C 272 -25.41 -67.98 23.18
CA GLN C 272 -24.11 -67.76 22.55
C GLN C 272 -23.05 -67.83 23.64
N LEU C 273 -23.49 -67.64 24.89
CA LEU C 273 -22.62 -67.72 26.05
C LEU C 273 -22.61 -69.16 26.53
N THR C 274 -23.71 -69.86 26.28
CA THR C 274 -23.84 -71.25 26.69
C THR C 274 -23.30 -72.22 25.64
N SER C 275 -22.06 -72.00 25.21
CA SER C 275 -21.43 -72.89 24.21
C SER C 275 -20.99 -74.18 24.92
N LYS C 276 -21.04 -74.15 26.26
CA LYS C 276 -20.68 -75.28 27.14
C LYS C 276 -21.28 -75.04 28.55
#